data_2X42
#
_entry.id   2X42
#
_cell.length_a   74.550
_cell.length_b   128.160
_cell.length_c   175.650
_cell.angle_alpha   90.00
_cell.angle_beta   90.00
_cell.angle_gamma   90.00
#
_symmetry.space_group_name_H-M   'C 2 2 21'
#
loop_
_entity.id
_entity.type
_entity.pdbx_description
1 polymer BETA-GLUCOSIDASE
2 non-polymer alpha-D-glucopyranose
3 non-polymer 'BROMIDE ION'
4 water water
#
_entity_poly.entity_id   1
_entity_poly.type   'polypeptide(L)'
_entity_poly.pdbx_seq_one_letter_code
;MEKVNEILSQLTLEEKVKLVVGVGLPGLFGNPHSRVAGAAGETHPVPRVGLPAFVLADGPAGLRINPTRENDENTYYTTA
FPVEIMLASTWNRELLEEVGKAMGEEVREYGVDVLLAPAMNIHRNPLCGRNFEYYSEDPVLSGEMASSFVKGVQSQGVGA
CIKHFVANNQETNRMVVDTIVSERALREIYLRGFEIAVKKSKPWSVMSAYNKLNGKYCSQNEWLLKKVLREEWGFEGFVM
SAWYAGDNPVEQLKAGNDLIMPGKAYQVNTERRDEIEEIMEALKEGKLSEEVLDECVRNILKVLVNAPSFKNYRYSNKPD
LEKHAKVAYEAGAEGVVLLRNEEALPLSENSKIALFGTGQIETIKGGTGSGDTHPRYAISILEGIKERGLNFDEELAKTY
EDYIKKMRETEEYKPRRDSWGTIIKPKLPENFLSEKEIHKLAKKNDVAVIVISRISGEGYDRKPVKGDFYLSDDETDLIK
TVSREFHEQGKKVIVLLNIGSPVEVVSWRDLVDGILLVWQAGQETGRIVADVLTGRINPSGKLPTTFPRDYSDVPSWTFP
GEPKDNPQKVVYEEDIYVGYRYYDTFGVEPAYEFGYGLSYTTFEYSDLNVSFDGETLRVQYRIENTGGRAGKEVSQVYIK
APKGKIDKPFQELKAFHKTRLLNPGESEEVVLEIPVRDLASFNGEEWVVEAGEYEVRVGASSRNIKLKGTFSVGEERRFK
P
;
_entity_poly.pdbx_strand_id   A
#
# COMPACT_ATOMS: atom_id res chain seq x y z
N GLU A 2 -34.43 -9.06 7.88
CA GLU A 2 -35.73 -8.42 8.06
C GLU A 2 -35.59 -7.05 8.72
N LYS A 3 -34.65 -6.93 9.64
CA LYS A 3 -34.39 -5.67 10.32
C LYS A 3 -34.31 -4.50 9.35
N VAL A 4 -33.46 -4.63 8.34
CA VAL A 4 -33.24 -3.54 7.38
C VAL A 4 -34.53 -3.04 6.74
N ASN A 5 -35.28 -3.95 6.14
CA ASN A 5 -36.54 -3.58 5.49
C ASN A 5 -37.52 -2.97 6.49
N GLU A 6 -37.35 -3.31 7.75
CA GLU A 6 -38.18 -2.76 8.82
C GLU A 6 -37.82 -1.31 9.12
N ILE A 7 -36.55 -1.08 9.45
CA ILE A 7 -36.05 0.27 9.66
C ILE A 7 -36.34 1.14 8.44
N LEU A 8 -36.04 0.62 7.26
CA LEU A 8 -36.29 1.33 6.02
C LEU A 8 -37.75 1.79 5.95
N SER A 9 -38.67 0.88 6.32
CA SER A 9 -40.09 1.17 6.24
C SER A 9 -40.49 2.26 7.25
N GLN A 10 -39.68 2.43 8.29
CA GLN A 10 -39.99 3.36 9.37
C GLN A 10 -39.46 4.77 9.11
N LEU A 11 -38.40 4.85 8.33
CA LEU A 11 -37.73 6.12 8.05
C LEU A 11 -38.60 7.08 7.25
N THR A 12 -38.51 8.37 7.59
CA THR A 12 -39.14 9.42 6.79
C THR A 12 -38.21 9.76 5.63
N LEU A 13 -38.74 10.47 4.65
CA LEU A 13 -37.93 10.91 3.52
C LEU A 13 -36.70 11.68 4.01
N GLU A 14 -36.91 12.65 4.90
CA GLU A 14 -35.82 13.48 5.40
C GLU A 14 -34.74 12.72 6.17
N GLU A 15 -35.14 11.74 6.97
CA GLU A 15 -34.18 10.92 7.70
C GLU A 15 -33.35 10.07 6.74
N LYS A 16 -33.98 9.59 5.67
CA LYS A 16 -33.28 8.86 4.63
C LYS A 16 -32.18 9.71 4.00
N VAL A 17 -32.50 10.96 3.70
CA VAL A 17 -31.50 11.87 3.13
C VAL A 17 -30.35 12.12 4.11
N LYS A 18 -30.68 12.36 5.37
CA LYS A 18 -29.63 12.53 6.38
C LYS A 18 -28.68 11.34 6.41
N LEU A 19 -29.21 10.15 6.18
CA LEU A 19 -28.41 8.93 6.28
C LEU A 19 -27.38 8.76 5.16
N VAL A 20 -27.66 9.30 3.98
CA VAL A 20 -26.71 9.16 2.87
C VAL A 20 -25.70 10.31 2.81
N VAL A 21 -25.71 11.19 3.81
CA VAL A 21 -24.73 12.28 3.88
C VAL A 21 -24.03 12.28 5.23
N GLY A 22 -22.70 12.42 5.21
CA GLY A 22 -21.93 12.51 6.43
C GLY A 22 -22.27 13.78 7.17
N VAL A 23 -21.86 13.88 8.43
CA VAL A 23 -22.22 15.01 9.28
C VAL A 23 -21.24 16.18 9.16
N GLY A 24 -20.30 16.08 8.21
CA GLY A 24 -19.24 17.07 8.09
C GLY A 24 -17.96 16.55 8.71
N LEU A 25 -16.83 17.11 8.31
CA LEU A 25 -15.52 16.70 8.83
C LEU A 25 -15.45 17.00 10.31
N PRO A 26 -15.42 15.96 11.15
CA PRO A 26 -15.49 16.13 12.61
C PRO A 26 -14.33 16.95 13.16
N GLY A 27 -14.64 17.85 14.08
CA GLY A 27 -13.61 18.59 14.78
C GLY A 27 -12.95 19.70 13.99
N LEU A 28 -13.37 19.88 12.74
CA LEU A 28 -12.85 20.97 11.92
C LEU A 28 -13.98 21.90 11.49
N PHE A 29 -13.62 23.14 11.18
CA PHE A 29 -14.62 24.15 10.84
C PHE A 29 -15.58 24.28 12.02
N GLY A 30 -16.88 24.40 11.75
CA GLY A 30 -17.82 24.52 12.85
C GLY A 30 -18.03 23.22 13.63
N ASN A 31 -17.55 22.11 13.07
CA ASN A 31 -18.01 20.79 13.48
C ASN A 31 -17.50 20.28 14.84
N PRO A 32 -18.40 19.63 15.60
CA PRO A 32 -18.04 18.98 16.87
C PRO A 32 -17.08 17.83 16.61
N HIS A 33 -16.27 17.48 17.59
CA HIS A 33 -15.42 16.31 17.46
C HIS A 33 -16.29 15.07 17.37
N SER A 34 -15.82 14.09 16.62
CA SER A 34 -16.42 12.77 16.62
C SER A 34 -16.32 12.25 18.05
N ARG A 35 -17.23 11.36 18.45
CA ARG A 35 -17.12 10.74 19.77
C ARG A 35 -15.81 9.94 19.86
N VAL A 36 -15.23 9.64 18.71
CA VAL A 36 -13.86 9.14 18.64
C VAL A 36 -13.01 10.25 18.01
N ALA A 37 -12.45 11.10 18.86
CA ALA A 37 -11.78 12.31 18.40
C ALA A 37 -10.67 11.99 17.38
N GLY A 38 -10.72 12.68 16.24
CA GLY A 38 -9.74 12.47 15.19
C GLY A 38 -10.25 11.55 14.09
N ALA A 39 -11.39 10.91 14.33
CA ALA A 39 -12.01 10.06 13.31
C ALA A 39 -12.32 10.87 12.05
N ALA A 40 -12.30 10.20 10.90
CA ALA A 40 -12.47 10.86 9.61
C ALA A 40 -13.90 11.31 9.33
N GLY A 41 -14.89 10.59 9.87
CA GLY A 41 -16.27 10.92 9.56
C GLY A 41 -17.29 10.17 10.39
N GLU A 42 -18.52 10.68 10.40
CA GLU A 42 -19.64 10.03 11.08
C GLU A 42 -20.92 10.12 10.25
N THR A 43 -21.79 9.11 10.38
CA THR A 43 -23.08 9.15 9.74
C THR A 43 -24.08 9.87 10.65
N HIS A 44 -25.20 10.29 10.10
CA HIS A 44 -26.23 10.93 10.90
C HIS A 44 -26.96 9.89 11.73
N PRO A 45 -27.07 10.11 13.05
CA PRO A 45 -27.89 9.23 13.90
C PRO A 45 -29.38 9.45 13.63
N VAL A 46 -30.20 8.42 13.88
CA VAL A 46 -31.64 8.58 13.88
C VAL A 46 -32.21 7.82 15.07
N PRO A 47 -32.11 8.40 16.28
CA PRO A 47 -32.59 7.76 17.51
C PRO A 47 -34.03 7.30 17.36
N ARG A 48 -34.82 8.08 16.62
CA ARG A 48 -36.22 7.76 16.41
C ARG A 48 -36.43 6.28 16.12
N VAL A 49 -35.65 5.75 15.19
CA VAL A 49 -35.81 4.37 14.76
C VAL A 49 -34.67 3.47 15.22
N GLY A 50 -33.92 3.95 16.22
CA GLY A 50 -32.85 3.16 16.81
C GLY A 50 -31.54 3.08 16.03
N LEU A 51 -31.29 4.03 15.14
CA LEU A 51 -30.01 4.09 14.43
C LEU A 51 -29.04 5.05 15.11
N PRO A 52 -27.86 4.54 15.48
CA PRO A 52 -26.83 5.39 16.08
C PRO A 52 -25.97 6.01 14.97
N ALA A 53 -25.05 6.88 15.36
CA ALA A 53 -24.06 7.41 14.43
C ALA A 53 -23.02 6.32 14.23
N PHE A 54 -22.55 6.15 13.00
CA PHE A 54 -21.47 5.21 12.78
C PHE A 54 -20.18 5.98 12.56
N VAL A 55 -19.09 5.45 13.09
CA VAL A 55 -17.80 6.14 13.02
C VAL A 55 -16.86 5.51 11.99
N LEU A 56 -16.25 6.37 11.17
CA LEU A 56 -15.34 5.92 10.13
C LEU A 56 -13.98 6.56 10.38
N ALA A 57 -12.91 5.79 10.21
CA ALA A 57 -11.57 6.32 10.46
C ALA A 57 -10.49 5.68 9.61
N ASP A 58 -9.48 6.47 9.25
CA ASP A 58 -8.29 5.97 8.57
C ASP A 58 -7.51 5.13 9.58
N GLY A 59 -6.51 4.36 9.11
CA GLY A 59 -6.08 4.35 7.73
C GLY A 59 -5.23 3.12 7.50
N PRO A 60 -4.59 3.03 6.33
CA PRO A 60 -3.81 1.86 5.87
C PRO A 60 -2.60 1.48 6.73
N ALA A 61 -1.99 2.43 7.43
CA ALA A 61 -0.81 2.13 8.23
C ALA A 61 -1.18 1.86 9.68
N GLY A 62 -2.48 1.90 9.98
CA GLY A 62 -2.95 1.77 11.34
C GLY A 62 -4.03 2.80 11.63
N LEU A 63 -4.83 2.54 12.67
CA LEU A 63 -5.91 3.45 13.04
C LEU A 63 -5.37 4.84 13.35
N ARG A 64 -5.97 5.85 12.71
CA ARG A 64 -5.57 7.23 12.95
C ARG A 64 -6.64 8.00 13.72
N ILE A 65 -6.43 8.17 15.01
CA ILE A 65 -7.31 8.99 15.85
C ILE A 65 -6.43 9.87 16.74
N ASN A 66 -7.02 10.89 17.38
CA ASN A 66 -6.26 11.72 18.30
C ASN A 66 -5.78 10.91 19.51
N PRO A 67 -4.50 11.02 19.85
CA PRO A 67 -3.94 10.28 20.99
C PRO A 67 -4.46 10.81 22.31
N THR A 68 -4.81 12.09 22.33
CA THR A 68 -5.30 12.74 23.53
C THR A 68 -6.63 13.43 23.26
N ARG A 69 -7.35 13.72 24.34
CA ARG A 69 -8.62 14.44 24.24
C ARG A 69 -8.71 15.43 25.38
N GLU A 70 -9.38 16.55 25.15
CA GLU A 70 -9.50 17.58 26.18
C GLU A 70 -10.34 17.08 27.33
N ASN A 71 -10.06 17.58 28.53
CA ASN A 71 -10.77 17.16 29.73
C ASN A 71 -10.76 15.65 29.87
N ASP A 72 -9.60 15.05 29.60
CA ASP A 72 -9.45 13.61 29.58
C ASP A 72 -8.02 13.22 29.91
N GLU A 73 -7.85 12.36 30.91
CA GLU A 73 -6.52 11.95 31.34
C GLU A 73 -6.10 10.65 30.63
N ASN A 74 -7.04 10.05 29.92
CA ASN A 74 -6.75 8.83 29.18
C ASN A 74 -5.97 9.07 27.90
N THR A 75 -5.42 8.01 27.36
CA THR A 75 -4.55 8.08 26.20
C THR A 75 -5.07 7.10 25.14
N TYR A 76 -4.96 7.47 23.87
CA TYR A 76 -5.57 6.69 22.79
C TYR A 76 -4.60 6.36 21.65
N TYR A 77 -3.38 5.99 22.00
CA TYR A 77 -2.38 5.65 20.99
C TYR A 77 -2.75 4.38 20.24
N THR A 78 -2.31 4.28 19.00
CA THR A 78 -2.56 3.10 18.19
C THR A 78 -1.24 2.54 17.70
N THR A 79 -1.30 1.39 17.04
CA THR A 79 -0.10 0.77 16.49
C THR A 79 0.17 1.29 15.08
N ALA A 80 1.39 1.76 14.84
CA ALA A 80 1.79 2.18 13.51
C ALA A 80 2.56 1.04 12.84
N PHE A 81 1.90 0.38 11.90
CA PHE A 81 2.45 -0.75 11.17
C PHE A 81 3.29 -0.26 9.99
N PRO A 82 4.10 -1.16 9.41
CA PRO A 82 4.81 -0.85 8.18
C PRO A 82 3.81 -0.38 7.11
N VAL A 83 4.25 0.50 6.22
CA VAL A 83 3.41 0.96 5.12
C VAL A 83 3.09 -0.16 4.14
N GLU A 84 2.00 0.00 3.38
CA GLU A 84 1.52 -1.07 2.51
C GLU A 84 2.55 -1.61 1.53
N ILE A 85 3.39 -0.74 0.95
CA ILE A 85 4.36 -1.20 -0.03
C ILE A 85 5.33 -2.18 0.61
N MET A 86 5.56 -2.00 1.90
CA MET A 86 6.40 -2.91 2.67
C MET A 86 5.63 -4.18 3.01
N LEU A 87 4.37 -4.03 3.40
CA LEU A 87 3.52 -5.20 3.64
C LEU A 87 3.42 -6.08 2.39
N ALA A 88 3.30 -5.46 1.23
CA ALA A 88 3.24 -6.21 -0.02
C ALA A 88 4.53 -6.97 -0.24
N SER A 89 5.63 -6.37 0.18
CA SER A 89 6.95 -6.96 0.03
C SER A 89 7.06 -8.29 0.78
N THR A 90 6.20 -8.50 1.76
CA THR A 90 6.20 -9.76 2.49
C THR A 90 5.72 -10.90 1.61
N TRP A 91 4.87 -10.58 0.64
CA TRP A 91 4.24 -11.60 -0.20
C TRP A 91 3.58 -12.68 0.67
N ASN A 92 3.12 -12.29 1.86
CA ASN A 92 2.66 -13.25 2.86
C ASN A 92 1.21 -12.99 3.27
N ARG A 93 0.29 -13.74 2.67
CA ARG A 93 -1.15 -13.59 2.92
C ARG A 93 -1.51 -13.75 4.40
N GLU A 94 -1.08 -14.86 4.98
CA GLU A 94 -1.36 -15.18 6.37
C GLU A 94 -0.97 -13.99 7.25
N LEU A 95 0.24 -13.48 6.99
CA LEU A 95 0.76 -12.33 7.73
C LEU A 95 -0.09 -11.08 7.54
N LEU A 96 -0.55 -10.83 6.32
CA LEU A 96 -1.40 -9.66 6.07
C LEU A 96 -2.73 -9.81 6.82
N GLU A 97 -3.21 -11.04 6.93
CA GLU A 97 -4.44 -11.29 7.67
C GLU A 97 -4.22 -10.98 9.16
N GLU A 98 -3.08 -11.41 9.69
CA GLU A 98 -2.71 -11.06 11.06
C GLU A 98 -2.66 -9.55 11.28
N VAL A 99 -2.13 -8.81 10.32
CA VAL A 99 -2.03 -7.36 10.46
C VAL A 99 -3.44 -6.77 10.51
N GLY A 100 -4.32 -7.30 9.67
CA GLY A 100 -5.71 -6.90 9.68
C GLY A 100 -6.39 -7.13 11.02
N LYS A 101 -6.20 -8.32 11.58
CA LYS A 101 -6.79 -8.62 12.90
C LYS A 101 -6.32 -7.65 13.96
N ALA A 102 -5.02 -7.40 14.02
CA ALA A 102 -4.45 -6.49 15.01
C ALA A 102 -5.06 -5.10 14.88
N MET A 103 -5.09 -4.59 13.65
CA MET A 103 -5.68 -3.29 13.39
C MET A 103 -7.16 -3.33 13.75
N GLY A 104 -7.82 -4.40 13.35
CA GLY A 104 -9.25 -4.56 13.58
C GLY A 104 -9.60 -4.54 15.05
N GLU A 105 -8.75 -5.13 15.88
CA GLU A 105 -9.01 -5.12 17.32
C GLU A 105 -8.96 -3.68 17.85
N GLU A 106 -8.03 -2.89 17.33
CA GLU A 106 -7.91 -1.49 17.74
C GLU A 106 -9.07 -0.67 17.20
N VAL A 107 -9.50 -0.98 15.98
CA VAL A 107 -10.68 -0.32 15.43
C VAL A 107 -11.90 -0.59 16.31
N ARG A 108 -12.19 -1.85 16.58
CA ARG A 108 -13.33 -2.22 17.41
C ARG A 108 -13.25 -1.57 18.80
N GLU A 109 -12.14 -1.80 19.50
CA GLU A 109 -12.04 -1.36 20.89
C GLU A 109 -11.93 0.15 21.08
N TYR A 110 -11.62 0.90 20.02
CA TYR A 110 -11.61 2.36 20.14
C TYR A 110 -12.92 2.98 19.63
N GLY A 111 -13.93 2.14 19.40
CA GLY A 111 -15.25 2.62 19.04
C GLY A 111 -15.44 3.06 17.60
N VAL A 112 -14.59 2.56 16.70
CA VAL A 112 -14.75 2.81 15.27
C VAL A 112 -15.53 1.66 14.61
N ASP A 113 -16.35 1.98 13.61
CA ASP A 113 -17.15 0.95 12.94
C ASP A 113 -16.56 0.49 11.62
N VAL A 114 -15.92 1.40 10.90
CA VAL A 114 -15.34 1.08 9.60
C VAL A 114 -13.94 1.67 9.48
N LEU A 115 -12.98 0.83 9.14
CA LEU A 115 -11.61 1.29 8.89
C LEU A 115 -11.44 1.64 7.41
N LEU A 116 -10.91 2.82 7.14
CA LEU A 116 -10.72 3.27 5.77
C LEU A 116 -9.43 2.72 5.18
N ALA A 117 -9.43 1.41 4.97
CA ALA A 117 -8.26 0.68 4.50
C ALA A 117 -8.77 -0.70 4.08
N PRO A 118 -8.03 -1.38 3.19
CA PRO A 118 -6.73 -0.98 2.65
C PRO A 118 -6.83 -0.14 1.38
N ALA A 119 -5.81 0.68 1.14
CA ALA A 119 -5.66 1.34 -0.15
C ALA A 119 -5.01 0.34 -1.10
N MET A 120 -5.44 0.31 -2.36
CA MET A 120 -4.96 -0.72 -3.27
C MET A 120 -4.90 -0.29 -4.72
N ASN A 121 -4.74 1.01 -4.96
CA ASN A 121 -4.50 1.50 -6.32
C ASN A 121 -3.17 0.97 -6.84
N ILE A 122 -3.10 0.75 -8.15
CA ILE A 122 -1.93 0.20 -8.80
C ILE A 122 -0.76 1.20 -8.81
N HIS A 123 0.45 0.68 -8.65
CA HIS A 123 1.66 1.49 -8.84
C HIS A 123 1.90 1.67 -10.33
N ARG A 124 1.15 2.59 -10.94
CA ARG A 124 1.31 2.87 -12.35
C ARG A 124 2.68 3.50 -12.62
N ASN A 125 3.04 4.46 -11.77
CA ASN A 125 4.24 5.27 -11.94
C ASN A 125 4.90 5.46 -10.56
N PRO A 126 6.23 5.28 -10.47
CA PRO A 126 6.85 5.34 -9.14
C PRO A 126 6.77 6.72 -8.45
N LEU A 127 6.39 7.76 -9.19
CA LEU A 127 6.35 9.11 -8.63
C LEU A 127 5.06 9.42 -7.86
N CYS A 128 4.05 8.56 -7.98
CA CYS A 128 2.81 8.80 -7.26
C CYS A 128 3.06 8.94 -5.75
N GLY A 129 2.55 10.03 -5.19
CA GLY A 129 2.84 10.38 -3.81
C GLY A 129 2.33 9.38 -2.79
N ARG A 130 1.36 8.56 -3.18
CA ARG A 130 0.74 7.65 -2.23
C ARG A 130 1.13 6.19 -2.46
N ASN A 131 2.10 5.96 -3.33
CA ASN A 131 2.59 4.61 -3.59
C ASN A 131 2.96 3.87 -2.29
N PHE A 132 3.52 4.60 -1.34
CA PHE A 132 3.90 4.00 -0.06
C PHE A 132 2.73 3.26 0.60
N GLU A 133 1.50 3.79 0.45
CA GLU A 133 0.34 3.13 1.05
C GLU A 133 -0.50 2.28 0.08
N TYR A 134 0.09 1.92 -1.06
CA TYR A 134 -0.52 0.96 -1.99
C TYR A 134 0.38 -0.28 -2.05
N TYR A 135 -0.16 -1.39 -2.54
CA TYR A 135 0.58 -2.65 -2.50
C TYR A 135 1.58 -2.85 -3.63
N SER A 136 1.12 -2.73 -4.88
CA SER A 136 1.86 -3.30 -5.99
C SER A 136 1.51 -2.70 -7.35
N GLU A 137 2.36 -2.97 -8.33
CA GLU A 137 2.06 -2.61 -9.72
C GLU A 137 1.29 -3.77 -10.37
N ASP A 138 1.10 -4.83 -9.62
CA ASP A 138 0.47 -6.05 -10.15
C ASP A 138 -0.86 -6.31 -9.45
N PRO A 139 -1.93 -6.57 -10.23
CA PRO A 139 -3.26 -6.70 -9.63
C PRO A 139 -3.48 -7.99 -8.84
N VAL A 140 -2.73 -9.05 -9.14
CA VAL A 140 -2.87 -10.29 -8.37
C VAL A 140 -2.21 -10.17 -7.00
N LEU A 141 -0.97 -9.69 -6.95
CA LEU A 141 -0.35 -9.40 -5.67
C LEU A 141 -1.22 -8.42 -4.88
N SER A 142 -1.59 -7.32 -5.52
CA SER A 142 -2.41 -6.30 -4.83
C SER A 142 -3.72 -6.88 -4.31
N GLY A 143 -4.46 -7.55 -5.19
CA GLY A 143 -5.74 -8.13 -4.84
C GLY A 143 -5.66 -9.13 -3.71
N GLU A 144 -4.62 -9.97 -3.73
CA GLU A 144 -4.47 -11.03 -2.75
C GLU A 144 -4.03 -10.51 -1.38
N MET A 145 -3.17 -9.51 -1.37
CA MET A 145 -2.77 -8.89 -0.11
C MET A 145 -3.97 -8.17 0.49
N ALA A 146 -4.71 -7.47 -0.35
CA ALA A 146 -5.89 -6.74 0.10
C ALA A 146 -6.92 -7.68 0.71
N SER A 147 -7.20 -8.79 0.01
CA SER A 147 -8.17 -9.78 0.48
C SER A 147 -7.82 -10.30 1.86
N SER A 148 -6.55 -10.66 2.03
CA SER A 148 -6.05 -11.15 3.31
C SER A 148 -6.23 -10.13 4.40
N PHE A 149 -5.88 -8.88 4.11
CA PHE A 149 -6.03 -7.79 5.09
C PHE A 149 -7.49 -7.59 5.48
N VAL A 150 -8.38 -7.51 4.50
CA VAL A 150 -9.80 -7.32 4.74
C VAL A 150 -10.39 -8.43 5.61
N LYS A 151 -10.06 -9.69 5.31
CA LYS A 151 -10.50 -10.81 6.13
C LYS A 151 -10.06 -10.65 7.57
N GLY A 152 -8.82 -10.19 7.77
CA GLY A 152 -8.29 -9.95 9.10
C GLY A 152 -9.08 -8.91 9.85
N VAL A 153 -9.27 -7.75 9.24
CA VAL A 153 -10.02 -6.67 9.85
C VAL A 153 -11.43 -7.12 10.21
N GLN A 154 -12.10 -7.77 9.27
CA GLN A 154 -13.52 -8.06 9.43
C GLN A 154 -13.80 -9.28 10.31
N SER A 155 -12.76 -10.03 10.64
CA SER A 155 -12.90 -11.08 11.64
C SER A 155 -13.12 -10.45 13.01
N GLN A 156 -12.91 -9.13 13.10
CA GLN A 156 -12.99 -8.43 14.38
C GLN A 156 -14.32 -7.69 14.58
N GLY A 157 -15.28 -7.92 13.69
CA GLY A 157 -16.61 -7.38 13.86
C GLY A 157 -16.72 -5.94 13.37
N VAL A 158 -15.71 -5.50 12.65
CA VAL A 158 -15.72 -4.16 12.07
C VAL A 158 -15.54 -4.27 10.57
N GLY A 159 -15.65 -3.14 9.87
CA GLY A 159 -15.62 -3.17 8.43
C GLY A 159 -14.33 -2.62 7.86
N ALA A 160 -13.94 -3.18 6.72
CA ALA A 160 -12.86 -2.62 5.92
C ALA A 160 -13.46 -1.79 4.80
N CYS A 161 -12.62 -0.99 4.15
CA CYS A 161 -13.03 -0.20 3.00
C CYS A 161 -11.90 -0.17 1.98
N ILE A 162 -12.07 -0.88 0.86
CA ILE A 162 -11.05 -0.87 -0.17
C ILE A 162 -11.13 0.42 -0.98
N LYS A 163 -9.99 1.04 -1.23
CA LYS A 163 -9.93 2.35 -1.85
C LYS A 163 -8.64 2.44 -2.67
N HIS A 164 -8.57 3.33 -3.67
CA HIS A 164 -9.66 4.19 -4.11
C HIS A 164 -10.15 3.74 -5.50
N PHE A 165 -11.44 3.51 -5.63
CA PHE A 165 -12.02 2.89 -6.81
C PHE A 165 -12.47 3.96 -7.82
N VAL A 166 -11.77 4.13 -8.95
CA VAL A 166 -10.62 3.32 -9.36
C VAL A 166 -9.65 4.24 -10.12
N ALA A 167 -8.44 3.74 -10.40
CA ALA A 167 -7.46 4.45 -11.24
C ALA A 167 -6.98 5.79 -10.67
N ASN A 168 -6.86 5.84 -9.35
CA ASN A 168 -6.32 7.02 -8.68
C ASN A 168 -4.81 6.84 -8.56
N ASN A 169 -4.11 6.98 -9.69
CA ASN A 169 -2.70 6.62 -9.73
C ASN A 169 -1.76 7.83 -9.77
N GLN A 170 -2.31 8.99 -9.45
CA GLN A 170 -1.50 10.19 -9.25
C GLN A 170 -2.22 11.11 -8.30
N GLU A 171 -1.46 11.97 -7.61
CA GLU A 171 -2.05 12.94 -6.70
C GLU A 171 -2.31 14.28 -7.39
N THR A 172 -1.46 14.62 -8.34
CA THR A 172 -1.60 15.90 -9.04
C THR A 172 -3.01 16.09 -9.61
N ASN A 173 -3.71 17.10 -9.10
CA ASN A 173 -5.06 17.43 -9.56
C ASN A 173 -6.01 16.24 -9.50
N ARG A 174 -5.89 15.42 -8.46
CA ARG A 174 -6.68 14.20 -8.35
C ARG A 174 -8.18 14.46 -8.31
N MET A 175 -8.59 15.59 -7.74
CA MET A 175 -10.02 15.88 -7.56
C MET A 175 -10.66 16.37 -8.84
N VAL A 176 -9.86 16.51 -9.88
CA VAL A 176 -10.28 17.19 -11.09
C VAL A 176 -9.91 16.42 -12.36
N VAL A 177 -8.74 15.79 -12.36
CA VAL A 177 -8.18 15.20 -13.57
C VAL A 177 -9.04 14.08 -14.18
N ASP A 178 -9.13 14.07 -15.51
CA ASP A 178 -9.85 13.03 -16.25
C ASP A 178 -8.87 11.92 -16.64
N THR A 179 -9.16 10.71 -16.18
CA THR A 179 -8.25 9.59 -16.41
C THR A 179 -8.74 8.78 -17.59
N ILE A 180 -7.96 8.77 -18.65
CA ILE A 180 -8.33 8.10 -19.89
C ILE A 180 -7.64 6.75 -19.98
N VAL A 181 -8.45 5.68 -19.94
CA VAL A 181 -7.94 4.31 -19.85
C VAL A 181 -8.85 3.39 -20.65
N SER A 182 -8.26 2.51 -21.44
CA SER A 182 -9.07 1.59 -22.23
C SER A 182 -9.81 0.63 -21.29
N GLU A 183 -10.92 0.07 -21.73
CA GLU A 183 -11.62 -0.89 -20.90
C GLU A 183 -10.73 -2.10 -20.60
N ARG A 184 -9.85 -2.45 -21.54
CA ARG A 184 -8.97 -3.58 -21.34
C ARG A 184 -7.96 -3.36 -20.22
N ALA A 185 -7.35 -2.16 -20.18
CA ALA A 185 -6.44 -1.81 -19.10
C ALA A 185 -7.18 -1.81 -17.78
N LEU A 186 -8.38 -1.27 -17.78
CA LEU A 186 -9.21 -1.27 -16.59
C LEU A 186 -9.42 -2.70 -16.10
N ARG A 187 -9.93 -3.57 -16.97
CA ARG A 187 -10.29 -4.91 -16.52
C ARG A 187 -9.10 -5.80 -16.16
N GLU A 188 -7.97 -5.63 -16.85
CA GLU A 188 -6.78 -6.46 -16.55
C GLU A 188 -5.88 -5.92 -15.42
N ILE A 189 -5.83 -4.60 -15.27
CA ILE A 189 -4.88 -3.98 -14.34
C ILE A 189 -5.53 -3.23 -13.17
N TYR A 190 -6.32 -2.20 -13.47
CA TYR A 190 -6.79 -1.29 -12.45
C TYR A 190 -8.01 -1.79 -11.67
N LEU A 191 -9.01 -2.30 -12.38
CA LEU A 191 -10.20 -2.86 -11.74
C LEU A 191 -9.87 -4.19 -11.09
N ARG A 192 -8.87 -4.86 -11.64
CA ARG A 192 -8.62 -6.27 -11.37
C ARG A 192 -8.31 -6.61 -9.91
N GLY A 193 -7.47 -5.81 -9.26
CA GLY A 193 -7.17 -6.04 -7.85
C GLY A 193 -8.42 -5.88 -7.00
N PHE A 194 -9.22 -4.87 -7.31
CA PHE A 194 -10.47 -4.64 -6.59
C PHE A 194 -11.45 -5.79 -6.82
N GLU A 195 -11.47 -6.33 -8.04
CA GLU A 195 -12.32 -7.48 -8.35
C GLU A 195 -11.95 -8.65 -7.45
N ILE A 196 -10.66 -8.95 -7.35
CA ILE A 196 -10.19 -10.03 -6.49
C ILE A 196 -10.60 -9.79 -5.04
N ALA A 197 -10.36 -8.57 -4.54
CA ALA A 197 -10.69 -8.25 -3.15
C ALA A 197 -12.19 -8.36 -2.88
N VAL A 198 -12.99 -7.84 -3.81
CA VAL A 198 -14.43 -7.88 -3.66
C VAL A 198 -14.96 -9.31 -3.62
N LYS A 199 -14.46 -10.14 -4.53
CA LYS A 199 -14.96 -11.51 -4.64
C LYS A 199 -14.45 -12.44 -3.54
N LYS A 200 -13.23 -12.22 -3.10
CA LYS A 200 -12.61 -13.11 -2.11
C LYS A 200 -12.81 -12.70 -0.65
N SER A 201 -12.90 -11.41 -0.38
CA SER A 201 -12.93 -10.97 1.01
C SER A 201 -14.22 -10.23 1.39
N LYS A 202 -15.00 -9.82 0.40
CA LYS A 202 -16.30 -9.21 0.69
C LYS A 202 -16.19 -8.04 1.67
N PRO A 203 -15.45 -6.99 1.30
CA PRO A 203 -15.31 -5.82 2.18
C PRO A 203 -16.65 -5.16 2.42
N TRP A 204 -16.86 -4.63 3.63
CA TRP A 204 -18.11 -3.95 3.94
C TRP A 204 -18.34 -2.80 2.98
N SER A 205 -17.25 -2.12 2.61
CA SER A 205 -17.39 -0.91 1.82
C SER A 205 -16.32 -0.71 0.78
N VAL A 206 -16.63 0.15 -0.19
CA VAL A 206 -15.70 0.60 -1.20
C VAL A 206 -15.73 2.13 -1.21
N MET A 207 -14.55 2.74 -1.33
CA MET A 207 -14.46 4.20 -1.46
C MET A 207 -14.18 4.57 -2.91
N SER A 208 -15.10 5.32 -3.50
CA SER A 208 -14.93 5.78 -4.87
C SER A 208 -13.87 6.88 -4.93
N ALA A 209 -13.10 6.89 -6.02
CA ALA A 209 -11.95 7.79 -6.14
C ALA A 209 -12.34 9.24 -6.49
N TYR A 210 -11.39 10.14 -6.23
CA TYR A 210 -11.51 11.55 -6.57
C TYR A 210 -11.60 11.82 -8.07
N ASN A 211 -10.81 11.09 -8.85
CA ASN A 211 -10.60 11.42 -10.25
C ASN A 211 -11.80 11.09 -11.12
N LYS A 212 -11.86 11.71 -12.30
CA LYS A 212 -12.81 11.28 -13.32
C LYS A 212 -12.22 10.06 -14.00
N LEU A 213 -13.08 9.21 -14.52
CA LEU A 213 -12.64 8.05 -15.27
C LEU A 213 -13.35 8.09 -16.61
N ASN A 214 -12.58 8.33 -17.66
CA ASN A 214 -13.15 8.40 -19.00
C ASN A 214 -14.35 9.35 -19.06
N GLY A 215 -14.19 10.51 -18.44
CA GLY A 215 -15.20 11.56 -18.56
C GLY A 215 -16.13 11.76 -17.37
N LYS A 216 -16.16 10.78 -16.46
CA LYS A 216 -17.09 10.81 -15.34
C LYS A 216 -16.40 10.59 -14.00
N TYR A 217 -16.62 11.49 -13.05
CA TYR A 217 -16.16 11.28 -11.68
C TYR A 217 -16.49 9.87 -11.25
N CYS A 218 -15.54 9.22 -10.58
CA CYS A 218 -15.75 7.87 -10.10
C CYS A 218 -16.91 7.81 -9.11
N SER A 219 -17.05 8.86 -8.30
CA SER A 219 -18.13 8.92 -7.33
C SER A 219 -19.48 9.10 -8.02
N GLN A 220 -19.44 9.45 -9.30
CA GLN A 220 -20.66 9.67 -10.08
C GLN A 220 -20.67 8.80 -11.33
N ASN A 221 -19.93 7.70 -11.28
CA ASN A 221 -19.78 6.81 -12.43
C ASN A 221 -20.61 5.52 -12.30
N GLU A 222 -21.74 5.50 -13.00
CA GLU A 222 -22.69 4.40 -12.91
C GLU A 222 -22.12 3.09 -13.46
N TRP A 223 -21.42 3.18 -14.59
CA TRP A 223 -20.74 2.01 -15.15
C TRP A 223 -19.84 1.37 -14.09
N LEU A 224 -19.12 2.22 -13.36
CA LEU A 224 -18.14 1.74 -12.40
C LEU A 224 -18.80 1.19 -11.13
N LEU A 225 -19.63 2.00 -10.50
CA LEU A 225 -20.15 1.67 -9.18
C LEU A 225 -21.36 0.74 -9.25
N LYS A 226 -21.98 0.65 -10.43
CA LYS A 226 -23.18 -0.16 -10.57
C LYS A 226 -22.99 -1.35 -11.51
N LYS A 227 -22.70 -1.10 -12.78
CA LYS A 227 -22.59 -2.18 -13.76
C LYS A 227 -21.45 -3.14 -13.37
N VAL A 228 -20.28 -2.58 -13.15
CA VAL A 228 -19.14 -3.40 -12.81
C VAL A 228 -19.26 -3.92 -11.36
N LEU A 229 -19.14 -3.02 -10.40
CA LEU A 229 -19.10 -3.38 -8.98
C LEU A 229 -20.27 -4.28 -8.56
N ARG A 230 -21.50 -3.84 -8.85
CA ARG A 230 -22.69 -4.57 -8.41
C ARG A 230 -23.12 -5.67 -9.38
N GLU A 231 -23.58 -5.26 -10.56
CA GLU A 231 -24.18 -6.20 -11.51
C GLU A 231 -23.21 -7.29 -11.94
N GLU A 232 -21.99 -6.92 -12.28
CA GLU A 232 -21.01 -7.92 -12.69
C GLU A 232 -20.40 -8.67 -11.50
N TRP A 233 -19.76 -7.94 -10.59
CA TRP A 233 -18.99 -8.57 -9.52
C TRP A 233 -19.83 -9.08 -8.34
N GLY A 234 -21.05 -8.55 -8.22
CA GLY A 234 -21.93 -8.96 -7.13
C GLY A 234 -21.56 -8.39 -5.77
N PHE A 235 -20.94 -7.21 -5.75
CA PHE A 235 -20.61 -6.54 -4.49
C PHE A 235 -21.87 -6.35 -3.64
N GLU A 236 -21.79 -6.76 -2.38
CA GLU A 236 -22.96 -6.71 -1.49
C GLU A 236 -22.89 -5.60 -0.43
N GLY A 237 -21.88 -4.74 -0.48
CA GLY A 237 -21.74 -3.71 0.53
C GLY A 237 -22.24 -2.34 0.10
N PHE A 238 -21.65 -1.30 0.67
CA PHE A 238 -21.98 0.05 0.25
C PHE A 238 -20.75 0.83 -0.20
N VAL A 239 -20.99 1.85 -1.02
CA VAL A 239 -19.94 2.70 -1.56
C VAL A 239 -19.99 4.06 -0.88
N MET A 240 -18.84 4.55 -0.44
CA MET A 240 -18.77 5.92 0.08
C MET A 240 -17.86 6.70 -0.84
N SER A 241 -18.01 8.02 -0.87
CA SER A 241 -17.15 8.87 -1.68
C SER A 241 -15.88 9.19 -0.92
N ALA A 242 -14.79 9.41 -1.65
CA ALA A 242 -13.60 9.99 -1.04
C ALA A 242 -14.06 11.33 -0.48
N TRP A 243 -13.34 11.86 0.50
CA TRP A 243 -13.76 13.08 1.18
C TRP A 243 -13.84 14.26 0.23
N TYR A 244 -15.05 14.80 0.06
CA TYR A 244 -15.29 15.99 -0.77
C TYR A 244 -15.18 15.72 -2.27
N ALA A 245 -15.20 14.45 -2.66
CA ALA A 245 -15.07 14.07 -4.06
C ALA A 245 -16.33 14.41 -4.86
N GLY A 246 -16.19 14.56 -6.17
CA GLY A 246 -17.32 14.81 -7.04
C GLY A 246 -17.82 16.24 -7.02
N ASP A 247 -18.93 16.50 -7.71
CA ASP A 247 -19.50 17.84 -7.74
C ASP A 247 -21.03 17.85 -7.68
N ASN A 248 -21.63 16.67 -7.53
CA ASN A 248 -23.08 16.57 -7.61
C ASN A 248 -23.62 15.41 -6.77
N PRO A 249 -24.21 15.73 -5.61
CA PRO A 249 -24.64 14.69 -4.66
C PRO A 249 -25.72 13.79 -5.26
N VAL A 250 -26.54 14.36 -6.13
CA VAL A 250 -27.62 13.60 -6.77
C VAL A 250 -27.06 12.60 -7.76
N GLU A 251 -26.08 13.03 -8.54
CA GLU A 251 -25.41 12.15 -9.48
C GLU A 251 -24.70 11.02 -8.73
N GLN A 252 -24.15 11.34 -7.57
CA GLN A 252 -23.48 10.34 -6.77
C GLN A 252 -24.43 9.21 -6.38
N LEU A 253 -25.58 9.56 -5.82
CA LEU A 253 -26.56 8.56 -5.40
C LEU A 253 -27.06 7.72 -6.58
N LYS A 254 -27.36 8.39 -7.69
CA LYS A 254 -27.82 7.70 -8.90
C LYS A 254 -26.78 6.73 -9.43
N ALA A 255 -25.50 7.06 -9.24
CA ALA A 255 -24.41 6.22 -9.74
C ALA A 255 -24.21 4.97 -8.91
N GLY A 256 -24.69 4.99 -7.67
CA GLY A 256 -24.46 3.88 -6.76
C GLY A 256 -23.49 4.23 -5.65
N ASN A 257 -23.14 5.51 -5.54
CA ASN A 257 -22.36 5.98 -4.41
C ASN A 257 -23.29 6.29 -3.24
N ASP A 258 -23.47 5.31 -2.36
CA ASP A 258 -24.50 5.35 -1.32
C ASP A 258 -24.29 6.41 -0.25
N LEU A 259 -23.03 6.64 0.12
CA LEU A 259 -22.73 7.49 1.26
C LEU A 259 -21.77 8.62 0.88
N ILE A 260 -22.27 9.86 0.99
CA ILE A 260 -21.51 11.04 0.61
C ILE A 260 -20.70 11.60 1.79
N MET A 261 -19.39 11.50 1.70
CA MET A 261 -18.51 11.90 2.80
C MET A 261 -17.57 13.05 2.43
N PRO A 262 -17.16 13.85 3.43
CA PRO A 262 -17.60 13.69 4.83
C PRO A 262 -18.91 14.44 5.08
N GLY A 263 -19.40 15.15 4.08
CA GLY A 263 -20.57 15.98 4.26
C GLY A 263 -20.20 17.44 4.47
N LYS A 264 -21.14 18.33 4.15
CA LYS A 264 -20.93 19.77 4.29
C LYS A 264 -19.81 20.28 3.40
N ALA A 265 -19.87 19.94 2.10
CA ALA A 265 -18.83 20.34 1.16
C ALA A 265 -18.65 21.85 1.08
N TYR A 266 -19.69 22.61 1.44
CA TYR A 266 -19.59 24.07 1.39
C TYR A 266 -18.48 24.61 2.30
N GLN A 267 -18.14 23.85 3.34
CA GLN A 267 -17.12 24.26 4.31
C GLN A 267 -15.72 24.30 3.70
N VAL A 268 -15.54 23.62 2.57
CA VAL A 268 -14.23 23.53 1.90
C VAL A 268 -14.29 24.12 0.49
N ASN A 269 -15.49 24.18 -0.08
CA ASN A 269 -15.67 24.70 -1.42
C ASN A 269 -16.94 25.54 -1.49
N THR A 270 -16.77 26.85 -1.33
CA THR A 270 -17.87 27.80 -1.26
C THR A 270 -18.92 27.65 -2.35
N GLU A 271 -18.56 26.97 -3.44
CA GLU A 271 -19.47 26.84 -4.57
C GLU A 271 -20.34 25.59 -4.53
N ARG A 272 -20.10 24.73 -3.53
CA ARG A 272 -20.96 23.58 -3.31
C ARG A 272 -22.12 23.97 -2.41
N ARG A 273 -23.30 23.41 -2.69
CA ARG A 273 -24.44 23.57 -1.80
C ARG A 273 -24.36 22.53 -0.68
N ASP A 274 -25.10 22.76 0.39
CA ASP A 274 -25.29 21.71 1.39
C ASP A 274 -25.94 20.55 0.67
N GLU A 275 -25.37 19.35 0.82
CA GLU A 275 -25.87 18.22 0.05
C GLU A 275 -27.28 17.75 0.47
N ILE A 276 -27.58 17.83 1.76
CA ILE A 276 -28.92 17.51 2.24
C ILE A 276 -29.98 18.40 1.58
N GLU A 277 -29.70 19.70 1.51
CA GLU A 277 -30.61 20.61 0.84
C GLU A 277 -30.73 20.31 -0.65
N GLU A 278 -29.61 20.03 -1.30
CA GLU A 278 -29.61 19.75 -2.74
C GLU A 278 -30.39 18.47 -3.03
N ILE A 279 -30.17 17.44 -2.22
CA ILE A 279 -30.90 16.18 -2.36
C ILE A 279 -32.40 16.34 -2.09
N MET A 280 -32.74 17.02 -1.00
CA MET A 280 -34.15 17.28 -0.66
C MET A 280 -34.85 17.96 -1.84
N GLU A 281 -34.22 18.99 -2.39
CA GLU A 281 -34.77 19.70 -3.53
C GLU A 281 -34.96 18.79 -4.74
N ALA A 282 -33.97 17.94 -5.01
CA ALA A 282 -34.03 17.03 -6.15
C ALA A 282 -35.17 16.03 -6.01
N LEU A 283 -35.39 15.56 -4.78
CA LEU A 283 -36.51 14.67 -4.52
C LEU A 283 -37.84 15.38 -4.76
N LYS A 284 -37.92 16.62 -4.29
CA LYS A 284 -39.12 17.44 -4.45
C LYS A 284 -39.44 17.67 -5.92
N GLU A 285 -38.39 17.86 -6.72
CA GLU A 285 -38.57 18.24 -8.12
C GLU A 285 -38.64 17.04 -9.06
N GLY A 286 -38.37 15.86 -8.53
CA GLY A 286 -38.39 14.64 -9.34
C GLY A 286 -37.09 14.42 -10.09
N LYS A 287 -36.04 15.15 -9.72
CA LYS A 287 -34.71 14.89 -10.27
C LYS A 287 -34.15 13.58 -9.74
N LEU A 288 -34.65 13.17 -8.57
CA LEU A 288 -34.19 11.95 -7.92
C LEU A 288 -35.40 11.20 -7.39
N SER A 289 -35.48 9.90 -7.68
CA SER A 289 -36.62 9.12 -7.21
C SER A 289 -36.36 8.60 -5.81
N GLU A 290 -37.43 8.41 -5.06
CA GLU A 290 -37.31 7.88 -3.71
C GLU A 290 -36.80 6.44 -3.76
N GLU A 291 -37.12 5.73 -4.84
CA GLU A 291 -36.67 4.36 -4.98
C GLU A 291 -35.15 4.26 -5.01
N VAL A 292 -34.51 5.16 -5.76
CA VAL A 292 -33.05 5.24 -5.77
C VAL A 292 -32.51 5.56 -4.38
N LEU A 293 -33.15 6.51 -3.70
CA LEU A 293 -32.77 6.87 -2.34
C LEU A 293 -32.87 5.69 -1.38
N ASP A 294 -33.96 4.92 -1.50
CA ASP A 294 -34.15 3.73 -0.67
C ASP A 294 -33.04 2.70 -0.89
N GLU A 295 -32.66 2.51 -2.15
CA GLU A 295 -31.61 1.55 -2.47
C GLU A 295 -30.29 1.93 -1.80
N CYS A 296 -29.94 3.21 -1.86
CA CYS A 296 -28.71 3.68 -1.24
C CYS A 296 -28.73 3.47 0.27
N VAL A 297 -29.87 3.78 0.88
CA VAL A 297 -30.04 3.60 2.31
C VAL A 297 -29.96 2.13 2.71
N ARG A 298 -30.58 1.26 1.91
CA ARG A 298 -30.54 -0.17 2.18
C ARG A 298 -29.11 -0.71 2.06
N ASN A 299 -28.38 -0.29 1.03
CA ASN A 299 -26.98 -0.68 0.87
C ASN A 299 -26.17 -0.33 2.11
N ILE A 300 -26.47 0.81 2.71
CA ILE A 300 -25.76 1.25 3.90
C ILE A 300 -26.17 0.45 5.14
N LEU A 301 -27.48 0.34 5.38
CA LEU A 301 -27.97 -0.33 6.58
C LEU A 301 -27.69 -1.83 6.58
N LYS A 302 -27.84 -2.48 5.42
CA LYS A 302 -27.65 -3.92 5.35
C LYS A 302 -26.24 -4.29 5.79
N VAL A 303 -25.31 -3.34 5.64
CA VAL A 303 -23.94 -3.54 6.10
C VAL A 303 -23.81 -3.13 7.57
N LEU A 304 -24.21 -1.91 7.88
CA LEU A 304 -23.90 -1.32 9.17
C LEU A 304 -24.77 -1.80 10.35
N VAL A 305 -25.89 -2.45 10.08
CA VAL A 305 -26.63 -3.08 11.18
C VAL A 305 -25.75 -4.13 11.85
N ASN A 306 -24.67 -4.51 11.16
CA ASN A 306 -23.68 -5.42 11.70
C ASN A 306 -22.53 -4.73 12.43
N ALA A 307 -22.46 -3.41 12.37
CA ALA A 307 -21.37 -2.68 13.02
C ALA A 307 -21.53 -2.71 14.53
N PRO A 308 -20.41 -2.62 15.26
CA PRO A 308 -20.52 -2.60 16.72
C PRO A 308 -21.44 -1.49 17.23
N SER A 309 -21.37 -0.29 16.66
CA SER A 309 -22.23 0.81 17.12
C SER A 309 -23.72 0.49 17.07
N PHE A 310 -24.13 -0.35 16.11
CA PHE A 310 -25.55 -0.66 16.02
C PHE A 310 -26.01 -1.49 17.20
N LYS A 311 -25.08 -2.21 17.82
CA LYS A 311 -25.45 -2.99 19.00
C LYS A 311 -24.93 -2.38 20.29
N ASN A 312 -24.63 -1.08 20.24
CA ASN A 312 -24.24 -0.32 21.42
C ASN A 312 -23.05 -0.95 22.12
N TYR A 313 -22.16 -1.54 21.33
CA TYR A 313 -21.02 -2.26 21.89
C TYR A 313 -20.22 -1.36 22.83
N ARG A 314 -20.01 -1.82 24.07
CA ARG A 314 -19.18 -1.09 25.01
C ARG A 314 -17.70 -1.36 24.74
N TYR A 315 -17.10 -0.54 23.89
CA TYR A 315 -15.68 -0.67 23.60
C TYR A 315 -14.83 -0.27 24.81
N SER A 316 -13.64 -0.84 24.92
CA SER A 316 -12.82 -0.70 26.13
C SER A 316 -11.90 0.52 26.12
N ASN A 317 -11.62 1.06 24.94
CA ASN A 317 -10.58 2.06 24.78
C ASN A 317 -9.20 1.56 25.23
N LYS A 318 -9.07 0.24 25.34
CA LYS A 318 -7.78 -0.34 25.72
C LYS A 318 -7.46 -1.64 24.97
N PRO A 319 -7.15 -1.51 23.67
CA PRO A 319 -6.69 -2.64 22.86
C PRO A 319 -5.34 -3.15 23.38
N ASP A 320 -4.97 -4.36 23.00
CA ASP A 320 -3.70 -4.92 23.43
C ASP A 320 -2.59 -4.38 22.54
N LEU A 321 -2.04 -3.24 22.91
CA LEU A 321 -1.03 -2.57 22.10
C LEU A 321 0.28 -3.36 22.05
N GLU A 322 0.64 -4.02 23.15
CA GLU A 322 1.88 -4.79 23.19
C GLU A 322 1.83 -5.99 22.25
N LYS A 323 0.71 -6.70 22.25
CA LYS A 323 0.50 -7.80 21.33
C LYS A 323 0.55 -7.30 19.87
N HIS A 324 -0.11 -6.19 19.60
CA HIS A 324 -0.15 -5.66 18.24
C HIS A 324 1.21 -5.17 17.76
N ALA A 325 2.06 -4.73 18.68
CA ALA A 325 3.41 -4.30 18.34
C ALA A 325 4.26 -5.47 17.85
N LYS A 326 4.06 -6.65 18.44
CA LYS A 326 4.77 -7.84 17.96
C LYS A 326 4.37 -8.12 16.52
N VAL A 327 3.08 -8.01 16.24
CA VAL A 327 2.61 -8.20 14.88
C VAL A 327 3.22 -7.17 13.94
N ALA A 328 3.32 -5.92 14.39
CA ALA A 328 3.93 -4.87 13.56
C ALA A 328 5.41 -5.18 13.28
N TYR A 329 6.10 -5.71 14.29
CA TYR A 329 7.51 -6.07 14.14
C TYR A 329 7.67 -7.22 13.15
N GLU A 330 6.81 -8.23 13.27
CA GLU A 330 6.84 -9.37 12.38
C GLU A 330 6.58 -8.97 10.93
N ALA A 331 5.58 -8.11 10.72
CA ALA A 331 5.26 -7.65 9.38
C ALA A 331 6.46 -6.94 8.77
N GLY A 332 7.11 -6.10 9.57
CA GLY A 332 8.27 -5.37 9.11
C GLY A 332 9.42 -6.32 8.82
N ALA A 333 9.59 -7.32 9.67
CA ALA A 333 10.68 -8.28 9.54
C ALA A 333 10.63 -9.01 8.19
N GLU A 334 9.43 -9.31 7.73
CA GLU A 334 9.26 -10.07 6.48
C GLU A 334 9.16 -9.17 5.25
N GLY A 335 9.15 -7.86 5.46
CA GLY A 335 8.94 -6.92 4.37
C GLY A 335 10.20 -6.20 3.93
N VAL A 336 11.24 -6.23 4.77
CA VAL A 336 12.54 -5.73 4.35
C VAL A 336 13.00 -6.51 3.13
N VAL A 337 13.54 -5.82 2.14
CA VAL A 337 14.04 -6.48 0.94
C VAL A 337 15.56 -6.34 0.83
N LEU A 338 16.27 -7.47 0.83
CA LEU A 338 17.71 -7.45 0.60
C LEU A 338 17.96 -7.33 -0.89
N LEU A 339 18.49 -6.18 -1.31
CA LEU A 339 18.72 -5.94 -2.73
C LEU A 339 20.13 -6.33 -3.16
N ARG A 340 21.07 -6.27 -2.24
CA ARG A 340 22.47 -6.50 -2.59
C ARG A 340 23.27 -6.96 -1.38
N ASN A 341 24.08 -7.99 -1.58
CA ASN A 341 24.87 -8.54 -0.51
C ASN A 341 26.14 -9.20 -1.03
N GLU A 342 27.17 -8.39 -1.23
CA GLU A 342 28.49 -8.88 -1.61
C GLU A 342 29.30 -9.12 -0.34
N GLU A 343 29.04 -10.27 0.28
CA GLU A 343 29.70 -10.65 1.53
C GLU A 343 29.71 -9.51 2.55
N ALA A 344 28.56 -8.87 2.72
CA ALA A 344 28.46 -7.72 3.63
C ALA A 344 27.50 -7.97 4.79
N LEU A 345 26.51 -8.82 4.57
CA LEU A 345 25.48 -9.06 5.57
C LEU A 345 25.26 -10.56 5.81
N PRO A 346 24.92 -10.93 7.04
CA PRO A 346 24.72 -10.01 8.17
C PRO A 346 26.03 -9.59 8.79
N LEU A 347 25.98 -8.55 9.63
CA LEU A 347 27.16 -8.04 10.30
C LEU A 347 27.69 -9.04 11.31
N SER A 348 29.01 -9.19 11.37
CA SER A 348 29.63 -10.02 12.40
C SER A 348 29.25 -9.49 13.77
N GLU A 349 29.34 -10.34 14.78
CA GLU A 349 29.01 -9.89 16.13
C GLU A 349 30.08 -8.91 16.59
N ASN A 350 29.66 -7.86 17.29
CA ASN A 350 30.59 -6.89 17.85
C ASN A 350 31.30 -6.03 16.81
N SER A 351 30.88 -6.15 15.55
CA SER A 351 31.40 -5.31 14.49
C SER A 351 31.15 -3.85 14.87
N LYS A 352 32.19 -3.03 14.82
CA LYS A 352 32.04 -1.61 15.13
C LYS A 352 31.42 -0.89 13.93
N ILE A 353 30.23 -0.34 14.12
CA ILE A 353 29.48 0.29 13.04
C ILE A 353 29.65 1.80 13.03
N ALA A 354 30.06 2.35 11.90
CA ALA A 354 30.01 3.79 11.69
C ALA A 354 28.68 4.08 10.99
N LEU A 355 27.76 4.71 11.71
CA LEU A 355 26.42 4.95 11.19
C LEU A 355 26.31 6.31 10.52
N PHE A 356 25.96 6.33 9.23
CA PHE A 356 25.91 7.55 8.45
C PHE A 356 24.50 7.94 8.02
N GLY A 357 24.32 9.22 7.67
CA GLY A 357 23.05 9.71 7.15
C GLY A 357 22.12 10.18 8.25
N THR A 358 21.47 11.33 8.05
CA THR A 358 20.62 11.90 9.09
C THR A 358 19.37 11.05 9.31
N GLY A 359 19.05 10.21 8.34
CA GLY A 359 17.90 9.32 8.44
C GLY A 359 17.99 8.33 9.58
N GLN A 360 19.19 8.17 10.15
CA GLN A 360 19.40 7.26 11.27
C GLN A 360 18.67 7.79 12.50
N ILE A 361 18.49 9.10 12.54
CA ILE A 361 17.85 9.76 13.66
C ILE A 361 16.47 10.25 13.24
N GLU A 362 16.41 10.87 12.07
CA GLU A 362 15.15 11.29 11.51
C GLU A 362 14.60 10.18 10.62
N THR A 363 14.39 9.03 11.23
CA THR A 363 13.91 7.84 10.54
C THR A 363 12.45 8.01 10.11
N ILE A 364 12.15 7.65 8.87
CA ILE A 364 10.78 7.79 8.35
C ILE A 364 9.96 6.53 8.62
N LYS A 365 8.94 6.66 9.45
CA LYS A 365 8.12 5.50 9.83
C LYS A 365 7.01 5.24 8.83
N GLY A 366 6.72 6.24 8.01
CA GLY A 366 5.65 6.16 7.03
C GLY A 366 5.42 7.51 6.38
N GLY A 367 4.54 7.54 5.38
CA GLY A 367 4.26 8.77 4.65
C GLY A 367 3.21 9.61 5.35
N THR A 368 2.96 10.78 4.78
CA THR A 368 2.05 11.73 5.39
C THR A 368 0.67 11.69 4.75
N GLY A 369 -0.29 12.35 5.40
CA GLY A 369 -1.65 12.41 4.90
C GLY A 369 -2.64 11.64 5.74
N SER A 370 -3.74 11.24 5.12
CA SER A 370 -4.79 10.50 5.81
C SER A 370 -4.29 9.14 6.30
N GLY A 371 -3.24 8.64 5.67
CA GLY A 371 -2.68 7.35 6.03
C GLY A 371 -1.55 7.43 7.05
N ASP A 372 -1.44 8.57 7.72
CA ASP A 372 -0.44 8.76 8.76
C ASP A 372 -0.93 8.09 10.06
N THR A 373 -0.07 8.04 11.08
CA THR A 373 -0.46 7.50 12.39
C THR A 373 0.24 8.25 13.53
N HIS A 374 -0.30 8.08 14.74
CA HIS A 374 0.26 8.70 15.93
C HIS A 374 0.57 7.68 17.02
N PRO A 375 1.64 6.90 16.83
CA PRO A 375 1.99 5.87 17.81
C PRO A 375 2.63 6.48 19.05
N ARG A 376 2.64 5.74 20.16
CA ARG A 376 3.26 6.24 21.38
C ARG A 376 4.76 6.48 21.16
N TYR A 377 5.37 5.61 20.36
CA TYR A 377 6.78 5.74 20.05
C TYR A 377 7.09 5.39 18.60
N ALA A 378 8.25 5.82 18.14
CA ALA A 378 8.76 5.39 16.83
C ALA A 378 10.26 5.21 16.96
N ILE A 379 10.72 3.96 16.90
CA ILE A 379 12.11 3.66 17.14
C ILE A 379 12.97 3.97 15.92
N SER A 380 13.81 5.00 16.03
CA SER A 380 14.70 5.36 14.93
C SER A 380 15.69 4.22 14.71
N ILE A 381 16.39 4.28 13.58
CA ILE A 381 17.45 3.32 13.29
C ILE A 381 18.55 3.35 14.34
N LEU A 382 18.98 4.55 14.73
CA LEU A 382 20.02 4.68 15.75
C LEU A 382 19.56 4.07 17.08
N GLU A 383 18.34 4.43 17.48
CA GLU A 383 17.78 3.94 18.74
C GLU A 383 17.70 2.42 18.78
N GLY A 384 17.27 1.81 17.68
CA GLY A 384 17.16 0.36 17.61
C GLY A 384 18.52 -0.29 17.80
N ILE A 385 19.53 0.30 17.17
CA ILE A 385 20.89 -0.20 17.27
C ILE A 385 21.44 -0.07 18.71
N LYS A 386 21.13 1.05 19.37
CA LYS A 386 21.51 1.24 20.76
C LYS A 386 20.83 0.20 21.64
N GLU A 387 19.52 0.07 21.43
CA GLU A 387 18.68 -0.85 22.19
C GLU A 387 19.22 -2.29 22.13
N ARG A 388 19.61 -2.72 20.93
CA ARG A 388 20.09 -4.08 20.73
C ARG A 388 21.54 -4.20 21.18
N GLY A 389 22.12 -3.09 21.62
CA GLY A 389 23.47 -3.09 22.14
C GLY A 389 24.54 -3.36 21.09
N LEU A 390 24.26 -3.00 19.85
CA LEU A 390 25.24 -3.17 18.78
C LEU A 390 26.39 -2.19 18.99
N ASN A 391 27.57 -2.56 18.52
CA ASN A 391 28.75 -1.73 18.69
C ASN A 391 28.86 -0.67 17.60
N PHE A 392 28.46 0.55 17.92
CA PHE A 392 28.48 1.63 16.96
C PHE A 392 29.40 2.76 17.43
N ASP A 393 29.84 3.59 16.49
CA ASP A 393 30.69 4.72 16.83
C ASP A 393 29.90 5.74 17.63
N GLU A 394 30.16 5.79 18.94
CA GLU A 394 29.39 6.62 19.84
C GLU A 394 29.68 8.10 19.62
N GLU A 395 30.91 8.40 19.21
CA GLU A 395 31.30 9.78 18.92
C GLU A 395 30.54 10.27 17.70
N LEU A 396 30.44 9.42 16.69
CA LEU A 396 29.77 9.78 15.45
C LEU A 396 28.28 10.04 15.70
N ALA A 397 27.65 9.17 16.47
CA ALA A 397 26.23 9.29 16.75
C ALA A 397 25.89 10.61 17.45
N LYS A 398 26.74 11.00 18.40
CA LYS A 398 26.57 12.27 19.10
C LYS A 398 26.79 13.44 18.14
N THR A 399 27.73 13.28 17.21
CA THR A 399 27.98 14.30 16.20
C THR A 399 26.73 14.54 15.35
N TYR A 400 26.12 13.45 14.90
CA TYR A 400 24.90 13.55 14.10
C TYR A 400 23.77 14.18 14.89
N GLU A 401 23.58 13.73 16.12
CA GLU A 401 22.54 14.28 16.98
C GLU A 401 22.71 15.79 17.13
N ASP A 402 23.94 16.20 17.44
CA ASP A 402 24.25 17.62 17.55
C ASP A 402 23.99 18.37 16.24
N TYR A 403 24.35 17.75 15.12
CA TYR A 403 24.23 18.41 13.82
C TYR A 403 22.78 18.62 13.41
N ILE A 404 21.93 17.64 13.74
CA ILE A 404 20.52 17.75 13.42
C ILE A 404 19.84 18.82 14.28
N LYS A 405 20.10 18.79 15.58
CA LYS A 405 19.59 19.81 16.49
C LYS A 405 19.90 21.20 15.95
N LYS A 406 21.18 21.44 15.72
CA LYS A 406 21.66 22.70 15.18
C LYS A 406 20.90 23.08 13.90
N MET A 407 20.83 22.14 12.95
CA MET A 407 20.21 22.43 11.67
C MET A 407 18.71 22.69 11.79
N ARG A 408 18.03 21.91 12.62
CA ARG A 408 16.57 22.05 12.75
C ARG A 408 16.19 23.32 13.51
N GLU A 409 17.16 23.91 14.21
CA GLU A 409 16.93 25.15 14.93
C GLU A 409 17.13 26.34 13.99
N THR A 410 17.79 26.08 12.87
CA THR A 410 18.10 27.13 11.91
C THR A 410 16.88 27.51 11.08
N GLU A 411 16.86 28.75 10.60
CA GLU A 411 15.73 29.25 9.83
C GLU A 411 15.48 28.41 8.58
N GLU A 412 16.54 28.09 7.86
CA GLU A 412 16.41 27.41 6.58
C GLU A 412 15.91 25.97 6.71
N TYR A 413 16.15 25.34 7.85
CA TYR A 413 15.82 23.91 7.97
C TYR A 413 14.81 23.56 9.06
N LYS A 414 14.31 24.56 9.78
CA LYS A 414 13.30 24.32 10.80
C LYS A 414 12.00 23.86 10.14
N PRO A 415 11.24 23.00 10.82
CA PRO A 415 9.98 22.49 10.28
C PRO A 415 8.97 23.60 10.02
N ARG A 416 8.52 23.72 8.77
CA ARG A 416 7.57 24.74 8.38
C ARG A 416 6.17 24.16 8.26
N ARG A 417 5.24 24.98 7.76
CA ARG A 417 3.88 24.54 7.52
C ARG A 417 3.34 25.08 6.20
N ILE A 423 2.99 20.31 7.26
CA ILE A 423 4.11 20.20 8.21
C ILE A 423 5.32 19.53 7.56
N ILE A 424 6.11 20.32 6.85
CA ILE A 424 7.26 19.79 6.12
C ILE A 424 8.59 20.12 6.81
N LYS A 425 9.54 19.21 6.70
CA LYS A 425 10.90 19.45 7.17
C LYS A 425 11.83 19.54 5.98
N PRO A 426 12.42 20.73 5.74
CA PRO A 426 13.34 20.86 4.60
C PRO A 426 14.42 19.80 4.65
N LYS A 427 14.85 19.31 3.48
CA LYS A 427 15.84 18.24 3.41
C LYS A 427 17.23 18.72 3.83
N LEU A 428 17.83 18.01 4.78
CA LEU A 428 19.12 18.42 5.33
C LEU A 428 20.28 18.02 4.44
N PRO A 429 21.35 18.83 4.45
CA PRO A 429 22.61 18.47 3.78
C PRO A 429 23.26 17.26 4.45
N GLU A 430 23.68 16.29 3.66
CA GLU A 430 24.23 15.04 4.18
C GLU A 430 25.76 14.97 4.08
N ASN A 431 26.37 15.97 3.46
CA ASN A 431 27.81 15.97 3.26
C ASN A 431 28.55 16.93 4.20
N PHE A 432 28.24 16.86 5.49
CA PHE A 432 28.84 17.78 6.46
C PHE A 432 30.13 17.26 7.08
N LEU A 433 30.41 15.98 6.86
CA LEU A 433 31.66 15.37 7.33
C LEU A 433 32.82 15.69 6.38
N SER A 434 33.98 16.00 6.95
CA SER A 434 35.17 16.28 6.16
C SER A 434 35.72 15.01 5.52
N GLU A 435 36.42 15.17 4.40
CA GLU A 435 37.01 14.03 3.72
C GLU A 435 38.02 13.34 4.63
N LYS A 436 38.62 14.09 5.54
CA LYS A 436 39.55 13.53 6.52
C LYS A 436 38.82 12.92 7.71
N GLU A 437 37.71 13.53 8.10
CA GLU A 437 36.89 13.01 9.19
C GLU A 437 36.40 11.58 8.87
N ILE A 438 36.05 11.36 7.61
CA ILE A 438 35.57 10.05 7.18
C ILE A 438 36.72 9.05 7.05
N HIS A 439 37.92 9.55 6.72
CA HIS A 439 39.11 8.71 6.72
C HIS A 439 39.40 8.19 8.13
N LYS A 440 39.25 9.06 9.12
CA LYS A 440 39.43 8.67 10.51
C LYS A 440 38.39 7.61 10.88
N LEU A 441 37.18 7.78 10.36
CA LEU A 441 36.09 6.85 10.63
C LEU A 441 36.41 5.47 10.09
N ALA A 442 36.99 5.43 8.89
CA ALA A 442 37.30 4.16 8.25
C ALA A 442 38.36 3.35 9.00
N LYS A 443 39.32 4.04 9.61
CA LYS A 443 40.34 3.36 10.40
C LYS A 443 39.80 2.88 11.75
N LYS A 444 38.86 3.63 12.32
CA LYS A 444 38.34 3.34 13.65
C LYS A 444 37.30 2.24 13.68
N ASN A 445 36.49 2.13 12.64
CA ASN A 445 35.37 1.20 12.62
C ASN A 445 35.57 0.02 11.70
N ASP A 446 34.70 -0.98 11.84
CA ASP A 446 34.83 -2.20 11.05
C ASP A 446 33.98 -2.13 9.78
N VAL A 447 32.82 -1.49 9.89
CA VAL A 447 31.89 -1.42 8.77
C VAL A 447 31.19 -0.07 8.72
N ALA A 448 30.72 0.30 7.52
CA ALA A 448 29.92 1.50 7.36
C ALA A 448 28.47 1.13 7.03
N VAL A 449 27.55 1.89 7.60
CA VAL A 449 26.13 1.72 7.33
C VAL A 449 25.55 3.10 7.07
N ILE A 450 25.05 3.31 5.86
CA ILE A 450 24.57 4.61 5.43
C ILE A 450 23.07 4.59 5.26
N VAL A 451 22.39 5.51 5.92
CA VAL A 451 20.95 5.59 5.83
C VAL A 451 20.56 6.65 4.81
N ILE A 452 19.75 6.24 3.84
CA ILE A 452 19.20 7.14 2.86
C ILE A 452 17.69 7.15 3.06
N SER A 453 17.13 8.32 3.36
CA SER A 453 15.73 8.44 3.71
C SER A 453 14.93 9.30 2.73
N ARG A 454 13.67 8.92 2.52
CA ARG A 454 12.73 9.66 1.67
C ARG A 454 11.37 9.63 2.33
N ILE A 455 10.60 10.70 2.14
CA ILE A 455 9.21 10.68 2.56
C ILE A 455 8.31 11.29 1.49
N SER A 456 7.07 10.81 1.43
CA SER A 456 6.11 11.32 0.46
C SER A 456 4.75 11.27 1.14
N GLY A 457 3.72 11.68 0.43
CA GLY A 457 2.42 11.73 1.06
C GLY A 457 1.26 12.14 0.17
N GLU A 458 0.07 11.95 0.73
CA GLU A 458 -1.15 12.29 0.05
C GLU A 458 -1.11 13.74 -0.41
N GLY A 459 -1.54 13.98 -1.63
CA GLY A 459 -1.68 15.34 -2.14
C GLY A 459 -0.51 15.85 -2.96
N TYR A 460 0.64 15.20 -2.83
CA TYR A 460 1.83 15.62 -3.57
C TYR A 460 2.36 14.43 -4.36
N ASP A 461 2.69 14.64 -5.63
CA ASP A 461 3.46 13.65 -6.36
C ASP A 461 4.93 13.96 -6.23
N ARG A 462 5.78 12.94 -6.31
CA ARG A 462 7.22 13.15 -6.28
C ARG A 462 7.68 13.66 -7.65
N LYS A 463 8.93 14.10 -7.72
CA LYS A 463 9.46 14.61 -8.98
C LYS A 463 10.69 13.81 -9.36
N PRO A 464 10.95 13.65 -10.67
CA PRO A 464 12.14 12.94 -11.14
C PRO A 464 13.38 13.82 -11.05
N VAL A 465 13.69 14.28 -9.83
CA VAL A 465 14.81 15.19 -9.61
C VAL A 465 15.68 14.74 -8.45
N LYS A 466 16.87 15.31 -8.36
CA LYS A 466 17.78 15.03 -7.26
C LYS A 466 17.16 15.37 -5.91
N GLY A 467 17.40 14.53 -4.91
CA GLY A 467 16.81 14.72 -3.61
C GLY A 467 15.44 14.06 -3.53
N ASP A 468 14.96 13.57 -4.65
CA ASP A 468 13.66 12.88 -4.69
C ASP A 468 13.82 11.49 -5.29
N PHE A 469 13.46 11.34 -6.57
CA PHE A 469 13.71 10.05 -7.23
C PHE A 469 15.21 9.78 -7.29
N TYR A 470 15.98 10.82 -7.61
CA TYR A 470 17.41 10.72 -7.68
C TYR A 470 18.05 11.13 -6.37
N LEU A 471 19.22 10.58 -6.09
CA LEU A 471 20.01 11.01 -4.96
C LEU A 471 20.41 12.46 -5.12
N SER A 472 20.43 13.21 -4.02
CA SER A 472 20.96 14.56 -4.07
C SER A 472 22.47 14.46 -4.22
N ASP A 473 23.11 15.53 -4.69
CA ASP A 473 24.54 15.52 -4.88
C ASP A 473 25.29 15.21 -3.59
N ASP A 474 24.81 15.74 -2.47
CA ASP A 474 25.44 15.51 -1.17
C ASP A 474 25.31 14.05 -0.71
N GLU A 475 24.20 13.40 -1.08
CA GLU A 475 24.03 11.99 -0.79
C GLU A 475 24.99 11.15 -1.64
N THR A 476 25.11 11.52 -2.91
CA THR A 476 26.03 10.83 -3.80
C THR A 476 27.48 11.01 -3.33
N ASP A 477 27.80 12.21 -2.87
CA ASP A 477 29.15 12.51 -2.40
C ASP A 477 29.49 11.73 -1.13
N LEU A 478 28.50 11.62 -0.23
CA LEU A 478 28.69 10.86 0.99
C LEU A 478 29.00 9.41 0.68
N ILE A 479 28.18 8.79 -0.17
CA ILE A 479 28.39 7.40 -0.54
C ILE A 479 29.74 7.17 -1.22
N LYS A 480 30.11 8.05 -2.15
CA LYS A 480 31.37 7.92 -2.85
C LYS A 480 32.54 7.96 -1.88
N THR A 481 32.51 8.94 -0.98
CA THR A 481 33.60 9.12 -0.02
C THR A 481 33.67 7.99 1.00
N VAL A 482 32.53 7.69 1.62
CA VAL A 482 32.47 6.60 2.59
C VAL A 482 32.92 5.29 1.93
N SER A 483 32.42 5.03 0.74
CA SER A 483 32.81 3.85 -0.03
C SER A 483 34.31 3.79 -0.23
N ARG A 484 34.88 4.87 -0.76
CA ARG A 484 36.30 4.91 -1.06
C ARG A 484 37.15 4.72 0.19
N GLU A 485 36.76 5.41 1.26
CA GLU A 485 37.51 5.35 2.50
C GLU A 485 37.48 3.95 3.10
N PHE A 486 36.30 3.35 3.17
CA PHE A 486 36.15 2.06 3.82
C PHE A 486 36.70 0.91 2.99
N HIS A 487 36.59 1.02 1.67
CA HIS A 487 37.13 -0.01 0.79
C HIS A 487 38.65 0.00 0.76
N GLU A 488 39.25 1.18 0.94
CA GLU A 488 40.70 1.25 1.02
C GLU A 488 41.18 0.51 2.26
N GLN A 489 40.42 0.62 3.35
CA GLN A 489 40.77 -0.04 4.60
C GLN A 489 40.37 -1.51 4.61
N GLY A 490 39.86 -2.00 3.48
CA GLY A 490 39.47 -3.38 3.36
C GLY A 490 38.12 -3.68 3.97
N LYS A 491 37.32 -2.64 4.16
CA LYS A 491 36.06 -2.78 4.89
C LYS A 491 34.83 -2.57 4.01
N LYS A 492 33.70 -3.12 4.47
CA LYS A 492 32.47 -3.15 3.70
C LYS A 492 31.54 -1.98 4.01
N VAL A 493 30.75 -1.56 3.03
CA VAL A 493 29.78 -0.50 3.24
C VAL A 493 28.36 -0.95 2.89
N ILE A 494 27.43 -0.66 3.78
CA ILE A 494 26.04 -1.06 3.62
C ILE A 494 25.16 0.19 3.52
N VAL A 495 24.18 0.15 2.63
CA VAL A 495 23.22 1.24 2.54
C VAL A 495 21.82 0.76 2.94
N LEU A 496 21.15 1.55 3.76
CA LEU A 496 19.78 1.25 4.16
C LEU A 496 18.83 2.23 3.49
N LEU A 497 17.93 1.71 2.66
CA LEU A 497 17.00 2.57 1.96
C LEU A 497 15.71 2.72 2.77
N ASN A 498 15.58 3.86 3.42
CA ASN A 498 14.44 4.19 4.27
C ASN A 498 13.47 5.06 3.47
N ILE A 499 12.81 4.43 2.49
CA ILE A 499 12.05 5.14 1.46
C ILE A 499 10.68 4.50 1.26
N GLY A 500 9.80 5.18 0.52
CA GLY A 500 8.44 4.70 0.34
C GLY A 500 8.07 4.29 -1.08
N SER A 501 9.04 4.34 -1.97
CA SER A 501 8.84 4.03 -3.38
C SER A 501 10.18 4.07 -4.08
N PRO A 502 10.26 3.52 -5.31
CA PRO A 502 11.58 3.36 -5.95
C PRO A 502 12.37 4.66 -6.06
N VAL A 503 13.69 4.55 -5.90
CA VAL A 503 14.62 5.63 -6.21
C VAL A 503 15.72 5.08 -7.11
N GLU A 504 16.48 5.98 -7.73
CA GLU A 504 17.59 5.59 -8.58
C GLU A 504 18.61 4.81 -7.75
N VAL A 505 19.14 3.72 -8.30
CA VAL A 505 20.12 2.90 -7.57
C VAL A 505 21.31 2.51 -8.42
N VAL A 506 21.16 2.60 -9.72
CA VAL A 506 22.18 2.16 -10.66
C VAL A 506 23.49 2.94 -10.56
N SER A 507 23.40 4.24 -10.32
CA SER A 507 24.60 5.06 -10.31
C SER A 507 25.53 4.79 -9.12
N TRP A 508 25.01 4.18 -8.06
CA TRP A 508 25.78 4.06 -6.82
C TRP A 508 25.90 2.66 -6.25
N ARG A 509 24.99 1.76 -6.62
CA ARG A 509 24.94 0.46 -5.97
C ARG A 509 26.25 -0.33 -6.07
N ASP A 510 27.00 -0.13 -7.15
CA ASP A 510 28.27 -0.84 -7.34
C ASP A 510 29.39 -0.25 -6.48
N LEU A 511 29.07 0.83 -5.77
CA LEU A 511 30.03 1.48 -4.89
C LEU A 511 29.96 0.87 -3.50
N VAL A 512 28.89 0.13 -3.23
CA VAL A 512 28.68 -0.46 -1.91
C VAL A 512 28.51 -1.97 -2.00
N ASP A 513 28.54 -2.63 -0.84
CA ASP A 513 28.55 -4.08 -0.78
C ASP A 513 27.20 -4.65 -0.36
N GLY A 514 26.48 -3.91 0.47
CA GLY A 514 25.18 -4.35 0.93
C GLY A 514 24.15 -3.25 0.77
N ILE A 515 22.95 -3.64 0.36
CA ILE A 515 21.82 -2.72 0.29
C ILE A 515 20.59 -3.39 0.87
N LEU A 516 20.04 -2.80 1.93
CA LEU A 516 18.81 -3.27 2.51
C LEU A 516 17.72 -2.24 2.28
N LEU A 517 16.66 -2.65 1.61
CA LEU A 517 15.48 -1.81 1.44
C LEU A 517 14.56 -2.02 2.63
N VAL A 518 14.62 -1.09 3.58
CA VAL A 518 13.88 -1.23 4.82
C VAL A 518 12.57 -0.47 4.75
N TRP A 519 12.30 0.13 3.60
CA TRP A 519 11.08 0.92 3.38
C TRP A 519 10.82 1.89 4.53
N GLN A 520 9.57 1.95 4.98
CA GLN A 520 9.16 2.72 6.14
C GLN A 520 8.36 1.78 7.04
N ALA A 521 8.94 1.37 8.16
CA ALA A 521 8.45 0.19 8.85
C ALA A 521 7.65 0.46 10.11
N GLY A 522 7.07 1.64 10.22
CA GLY A 522 6.21 1.98 11.34
C GLY A 522 6.98 2.18 12.64
N GLN A 523 6.30 1.94 13.76
CA GLN A 523 6.83 2.25 15.09
C GLN A 523 8.03 1.37 15.48
N GLU A 524 8.13 0.19 14.90
CA GLU A 524 9.18 -0.76 15.25
C GLU A 524 10.43 -0.72 14.34
N THR A 525 10.45 0.23 13.40
CA THR A 525 11.50 0.31 12.39
C THR A 525 12.91 -0.01 12.90
N GLY A 526 13.37 0.73 13.91
CA GLY A 526 14.73 0.60 14.38
C GLY A 526 15.06 -0.80 14.88
N ARG A 527 14.07 -1.45 15.49
CA ARG A 527 14.24 -2.79 16.01
C ARG A 527 14.34 -3.81 14.89
N ILE A 528 13.39 -3.74 13.95
CA ILE A 528 13.44 -4.55 12.74
C ILE A 528 14.78 -4.38 12.02
N VAL A 529 15.20 -3.12 11.84
CA VAL A 529 16.43 -2.83 11.11
C VAL A 529 17.67 -3.40 11.81
N ALA A 530 17.81 -3.11 13.09
CA ALA A 530 18.91 -3.66 13.87
C ALA A 530 18.95 -5.20 13.76
N ASP A 531 17.78 -5.82 13.85
CA ASP A 531 17.69 -7.27 13.84
C ASP A 531 18.01 -7.89 12.47
N VAL A 532 17.72 -7.16 11.40
CA VAL A 532 18.11 -7.60 10.06
C VAL A 532 19.62 -7.49 9.84
N LEU A 533 20.23 -6.46 10.42
CA LEU A 533 21.68 -6.26 10.32
C LEU A 533 22.48 -7.39 10.97
N THR A 534 22.00 -7.88 12.11
CA THR A 534 22.73 -8.88 12.87
C THR A 534 22.39 -10.29 12.41
N GLY A 535 21.37 -10.40 11.56
CA GLY A 535 20.96 -11.69 11.03
C GLY A 535 19.99 -12.42 11.93
N ARG A 536 19.53 -11.78 12.99
CA ARG A 536 18.45 -12.35 13.78
C ARG A 536 17.21 -12.49 12.90
N ILE A 537 17.06 -11.58 11.95
CA ILE A 537 16.06 -11.70 10.91
C ILE A 537 16.77 -12.04 9.62
N ASN A 538 16.29 -13.07 8.93
CA ASN A 538 16.81 -13.35 7.60
C ASN A 538 15.82 -12.79 6.58
N PRO A 539 16.24 -11.72 5.87
CA PRO A 539 15.42 -11.07 4.84
C PRO A 539 14.67 -12.07 3.97
N SER A 540 13.36 -11.87 3.84
CA SER A 540 12.54 -12.73 3.00
C SER A 540 11.58 -11.92 2.12
N GLY A 541 11.72 -10.59 2.13
CA GLY A 541 10.88 -9.73 1.32
C GLY A 541 11.29 -9.70 -0.14
N LYS A 542 10.33 -9.47 -1.03
CA LYS A 542 10.66 -9.31 -2.45
C LYS A 542 9.85 -8.16 -3.03
N LEU A 543 10.43 -7.47 -4.01
CA LEU A 543 9.84 -6.27 -4.57
C LEU A 543 8.43 -6.49 -5.09
N PRO A 544 7.49 -5.59 -4.74
CA PRO A 544 6.12 -5.62 -5.25
C PRO A 544 5.97 -4.64 -6.41
N THR A 545 7.07 -4.02 -6.79
CA THR A 545 7.06 -2.96 -7.79
C THR A 545 8.42 -2.96 -8.47
N THR A 546 8.47 -2.51 -9.71
CA THR A 546 9.73 -2.48 -10.45
C THR A 546 10.59 -1.25 -10.09
N PHE A 547 11.88 -1.47 -9.86
CA PHE A 547 12.84 -0.38 -9.74
C PHE A 547 13.48 -0.15 -11.10
N PRO A 548 13.15 0.97 -11.76
CA PRO A 548 13.74 1.26 -13.09
C PRO A 548 15.17 1.78 -13.00
N ARG A 549 15.98 1.55 -14.04
CA ARG A 549 17.33 2.08 -14.11
C ARG A 549 17.31 3.59 -14.04
N ASP A 550 16.42 4.18 -14.83
CA ASP A 550 16.26 5.62 -14.87
C ASP A 550 14.79 5.93 -15.01
N TYR A 551 14.37 7.10 -14.55
CA TYR A 551 12.96 7.45 -14.62
C TYR A 551 12.47 7.47 -16.06
N SER A 552 13.33 7.84 -16.99
CA SER A 552 12.91 7.89 -18.39
C SER A 552 12.57 6.49 -18.92
N ASP A 553 12.88 5.45 -18.15
CA ASP A 553 12.56 4.09 -18.58
C ASP A 553 11.10 3.74 -18.34
N VAL A 554 10.48 4.49 -17.42
CA VAL A 554 9.12 4.21 -16.96
C VAL A 554 8.12 4.33 -18.11
N PRO A 555 7.32 3.27 -18.33
CA PRO A 555 6.39 3.26 -19.47
C PRO A 555 5.22 4.25 -19.35
N SER A 556 4.84 4.60 -18.12
CA SER A 556 3.76 5.57 -17.90
C SER A 556 4.26 7.00 -18.04
N TRP A 557 4.76 7.34 -19.22
CA TRP A 557 5.39 8.63 -19.45
C TRP A 557 4.42 9.83 -19.42
N THR A 558 3.12 9.58 -19.62
CA THR A 558 2.17 10.70 -19.67
C THR A 558 1.95 11.35 -18.31
N PHE A 559 2.26 10.61 -17.25
CA PHE A 559 2.23 11.12 -15.87
C PHE A 559 2.94 12.47 -15.79
N PRO A 560 2.31 13.49 -15.20
CA PRO A 560 1.00 13.52 -14.54
C PRO A 560 -0.11 14.08 -15.42
N GLY A 561 0.07 14.09 -16.73
CA GLY A 561 -1.00 14.53 -17.61
C GLY A 561 -0.75 15.84 -18.32
N GLU A 562 -1.79 16.35 -18.96
CA GLU A 562 -1.71 17.51 -19.84
C GLU A 562 -2.74 18.56 -19.42
N PRO A 563 -2.31 19.82 -19.28
CA PRO A 563 -0.90 20.21 -19.38
C PRO A 563 -0.16 19.85 -18.10
N LYS A 564 1.13 19.56 -18.23
CA LYS A 564 1.95 19.06 -17.12
C LYS A 564 1.75 19.83 -15.81
N ASP A 565 1.70 21.15 -15.90
CA ASP A 565 1.70 21.99 -14.70
C ASP A 565 0.31 22.15 -14.08
N ASN A 566 -0.72 21.73 -14.79
CA ASN A 566 -2.08 21.85 -14.30
C ASN A 566 -2.98 20.85 -15.02
N PRO A 567 -2.71 19.54 -14.83
CA PRO A 567 -3.28 18.52 -15.70
C PRO A 567 -4.80 18.45 -15.62
N GLN A 568 -5.45 18.52 -16.77
CA GLN A 568 -6.88 18.34 -16.81
C GLN A 568 -7.20 16.91 -17.24
N LYS A 569 -6.24 16.26 -17.90
CA LYS A 569 -6.41 14.87 -18.30
C LYS A 569 -5.08 14.14 -18.40
N VAL A 570 -5.13 12.82 -18.21
CA VAL A 570 -3.95 11.99 -18.35
C VAL A 570 -4.37 10.71 -19.05
N VAL A 571 -3.62 10.32 -20.07
CA VAL A 571 -3.98 9.16 -20.88
C VAL A 571 -3.03 8.00 -20.63
N TYR A 572 -3.57 6.83 -20.32
CA TYR A 572 -2.73 5.68 -20.03
C TYR A 572 -2.26 5.04 -21.34
N GLU A 573 -1.36 5.71 -22.04
CA GLU A 573 -0.93 5.22 -23.35
C GLU A 573 -0.36 3.82 -23.24
N GLU A 574 0.31 3.55 -22.12
CA GLU A 574 1.00 2.28 -21.95
C GLU A 574 0.00 1.15 -21.69
N ASP A 575 -1.20 1.52 -21.24
CA ASP A 575 -2.30 0.57 -21.20
C ASP A 575 -1.97 -0.59 -20.25
N ILE A 576 -2.20 -1.83 -20.70
CA ILE A 576 -1.94 -3.00 -19.85
C ILE A 576 -0.44 -3.22 -19.62
N TYR A 577 0.38 -2.64 -20.48
CA TYR A 577 1.82 -2.82 -20.38
C TYR A 577 2.43 -1.87 -19.35
N VAL A 578 2.15 -2.14 -18.09
CA VAL A 578 2.61 -1.29 -17.00
C VAL A 578 3.36 -2.15 -15.97
N GLY A 579 4.28 -1.55 -15.24
CA GLY A 579 5.14 -2.33 -14.36
C GLY A 579 5.88 -3.36 -15.19
N TYR A 580 6.12 -4.53 -14.60
CA TYR A 580 6.93 -5.55 -15.26
C TYR A 580 6.38 -6.03 -16.60
N ARG A 581 5.07 -5.91 -16.80
CA ARG A 581 4.47 -6.31 -18.06
C ARG A 581 5.10 -5.54 -19.20
N TYR A 582 5.50 -4.30 -18.93
CA TYR A 582 6.19 -3.51 -19.93
C TYR A 582 7.64 -3.95 -20.12
N TYR A 583 8.39 -4.03 -19.02
CA TYR A 583 9.83 -4.32 -19.10
C TYR A 583 10.12 -5.67 -19.74
N ASP A 584 9.27 -6.66 -19.44
CA ASP A 584 9.42 -8.00 -19.98
C ASP A 584 9.07 -8.03 -21.46
N THR A 585 7.94 -7.42 -21.80
CA THR A 585 7.42 -7.51 -23.14
C THR A 585 8.28 -6.76 -24.15
N PHE A 586 8.76 -5.58 -23.78
CA PHE A 586 9.51 -4.75 -24.72
C PHE A 586 11.01 -4.73 -24.50
N GLY A 587 11.48 -5.59 -23.60
CA GLY A 587 12.90 -5.81 -23.43
C GLY A 587 13.65 -4.67 -22.80
N VAL A 588 13.00 -3.97 -21.87
CA VAL A 588 13.70 -2.96 -21.10
C VAL A 588 14.10 -3.53 -19.74
N GLU A 589 15.37 -3.38 -19.43
CA GLU A 589 15.95 -3.94 -18.20
C GLU A 589 15.76 -3.00 -17.03
N PRO A 590 15.15 -3.50 -15.95
CA PRO A 590 15.02 -2.66 -14.75
C PRO A 590 16.30 -2.75 -13.92
N ALA A 591 16.45 -1.84 -12.96
CA ALA A 591 17.57 -1.94 -12.02
C ALA A 591 17.36 -3.18 -11.14
N TYR A 592 16.17 -3.31 -10.57
CA TYR A 592 15.75 -4.52 -9.87
C TYR A 592 14.31 -4.83 -10.26
N GLU A 593 14.06 -6.09 -10.61
CA GLU A 593 12.78 -6.47 -11.21
C GLU A 593 11.68 -6.76 -10.20
N PHE A 594 10.43 -6.73 -10.67
CA PHE A 594 9.29 -7.16 -9.86
C PHE A 594 9.60 -8.54 -9.27
N GLY A 595 9.32 -8.71 -7.99
CA GLY A 595 9.52 -9.99 -7.32
C GLY A 595 10.95 -10.32 -6.89
N TYR A 596 11.89 -9.40 -7.10
CA TYR A 596 13.29 -9.62 -6.73
C TYR A 596 13.55 -9.39 -5.26
N GLY A 597 14.39 -10.24 -4.68
CA GLY A 597 14.79 -10.12 -3.28
C GLY A 597 15.76 -11.22 -2.89
N LEU A 598 16.80 -10.87 -2.14
CA LEU A 598 17.81 -11.85 -1.77
C LEU A 598 17.57 -12.38 -0.36
N SER A 599 18.37 -13.36 0.03
CA SER A 599 18.25 -14.01 1.33
C SER A 599 19.65 -14.25 1.89
N TYR A 600 19.73 -14.45 3.21
CA TYR A 600 21.01 -14.82 3.82
C TYR A 600 21.29 -16.30 3.64
N THR A 601 20.33 -17.02 3.08
CA THR A 601 20.51 -18.43 2.78
C THR A 601 20.17 -18.69 1.31
N THR A 602 20.31 -19.93 0.86
CA THR A 602 19.95 -20.25 -0.52
C THR A 602 18.81 -21.25 -0.56
N PHE A 603 18.09 -21.27 -1.67
CA PHE A 603 16.97 -22.19 -1.86
C PHE A 603 17.07 -22.87 -3.22
N GLU A 604 16.74 -24.16 -3.25
CA GLU A 604 16.71 -24.91 -4.49
C GLU A 604 15.27 -25.32 -4.82
N TYR A 605 14.82 -24.98 -6.02
CA TYR A 605 13.49 -25.37 -6.50
C TYR A 605 13.60 -26.69 -7.26
N SER A 606 12.62 -27.57 -7.10
CA SER A 606 12.62 -28.83 -7.84
C SER A 606 11.26 -29.50 -7.90
N ASP A 607 11.20 -30.64 -8.59
CA ASP A 607 10.01 -31.50 -8.58
C ASP A 607 8.76 -30.81 -9.13
N LEU A 608 8.92 -30.05 -10.21
CA LEU A 608 7.78 -29.37 -10.81
C LEU A 608 6.78 -30.37 -11.37
N ASN A 609 5.52 -30.22 -10.99
CA ASN A 609 4.45 -30.96 -11.64
C ASN A 609 3.29 -30.04 -12.01
N VAL A 610 2.96 -30.04 -13.29
CA VAL A 610 1.91 -29.18 -13.83
C VAL A 610 0.81 -30.03 -14.41
N SER A 611 -0.43 -29.76 -14.02
CA SER A 611 -1.57 -30.45 -14.59
C SER A 611 -2.76 -29.51 -14.73
N PHE A 612 -3.50 -29.70 -15.82
CA PHE A 612 -4.68 -28.90 -16.09
C PHE A 612 -5.79 -29.86 -16.46
N ASP A 613 -6.84 -29.90 -15.63
CA ASP A 613 -7.95 -30.80 -15.83
C ASP A 613 -9.02 -30.15 -16.70
N GLY A 614 -8.75 -28.94 -17.18
CA GLY A 614 -9.66 -28.20 -18.03
C GLY A 614 -10.40 -27.10 -17.30
N GLU A 615 -10.36 -27.14 -15.97
CA GLU A 615 -11.06 -26.16 -15.17
C GLU A 615 -10.15 -25.58 -14.11
N THR A 616 -9.10 -26.32 -13.76
CA THR A 616 -8.14 -25.88 -12.75
C THR A 616 -6.71 -26.21 -13.18
N LEU A 617 -5.82 -25.22 -13.10
CA LEU A 617 -4.40 -25.44 -13.33
C LEU A 617 -3.73 -25.69 -11.99
N ARG A 618 -3.09 -26.83 -11.87
CA ARG A 618 -2.44 -27.19 -10.61
C ARG A 618 -0.93 -27.17 -10.77
N VAL A 619 -0.26 -26.34 -9.97
CA VAL A 619 1.18 -26.23 -10.04
C VAL A 619 1.79 -26.64 -8.72
N GLN A 620 2.67 -27.63 -8.77
CA GLN A 620 3.33 -28.12 -7.58
C GLN A 620 4.83 -28.21 -7.81
N TYR A 621 5.58 -27.95 -6.75
CA TYR A 621 7.03 -28.04 -6.80
C TYR A 621 7.56 -28.10 -5.39
N ARG A 622 8.87 -28.25 -5.25
CA ARG A 622 9.49 -28.33 -3.94
C ARG A 622 10.57 -27.27 -3.78
N ILE A 623 10.63 -26.69 -2.59
CA ILE A 623 11.68 -25.75 -2.26
C ILE A 623 12.46 -26.26 -1.06
N GLU A 624 13.78 -26.34 -1.19
CA GLU A 624 14.62 -26.77 -0.08
C GLU A 624 15.59 -25.66 0.31
N ASN A 625 15.78 -25.49 1.62
CA ASN A 625 16.79 -24.58 2.12
C ASN A 625 18.17 -25.23 2.03
N THR A 626 18.97 -24.83 1.04
CA THR A 626 20.29 -25.41 0.86
C THR A 626 21.41 -24.59 1.49
N GLY A 627 21.04 -23.58 2.27
CA GLY A 627 22.02 -22.71 2.92
C GLY A 627 22.27 -23.07 4.36
N GLY A 628 22.88 -22.16 5.11
CA GLY A 628 23.25 -22.43 6.49
C GLY A 628 22.48 -21.60 7.51
N ARG A 629 21.45 -20.90 7.06
CA ARG A 629 20.61 -20.12 7.96
C ARG A 629 19.14 -20.33 7.65
N ALA A 630 18.32 -20.48 8.69
CA ALA A 630 16.89 -20.61 8.49
C ALA A 630 16.37 -19.41 7.70
N GLY A 631 15.30 -19.60 6.94
CA GLY A 631 14.73 -18.50 6.17
C GLY A 631 13.49 -18.91 5.39
N LYS A 632 12.73 -17.91 4.95
CA LYS A 632 11.54 -18.15 4.13
C LYS A 632 11.82 -17.78 2.68
N GLU A 633 11.15 -18.47 1.77
CA GLU A 633 11.31 -18.21 0.35
C GLU A 633 9.98 -17.87 -0.31
N VAL A 634 9.95 -16.72 -0.99
CA VAL A 634 8.78 -16.35 -1.77
C VAL A 634 8.95 -16.90 -3.17
N SER A 635 8.00 -17.71 -3.62
CA SER A 635 8.04 -18.23 -4.98
C SER A 635 6.88 -17.65 -5.77
N GLN A 636 7.11 -17.43 -7.05
CA GLN A 636 6.13 -16.75 -7.91
C GLN A 636 5.84 -17.58 -9.14
N VAL A 637 4.56 -17.74 -9.46
CA VAL A 637 4.16 -18.49 -10.64
C VAL A 637 3.63 -17.55 -11.73
N TYR A 638 4.42 -17.40 -12.79
CA TYR A 638 4.04 -16.62 -13.97
C TYR A 638 3.55 -17.58 -15.04
N ILE A 639 2.46 -17.19 -15.70
CA ILE A 639 1.97 -17.92 -16.86
C ILE A 639 2.28 -17.08 -18.10
N LYS A 640 2.88 -17.71 -19.10
CA LYS A 640 3.09 -17.08 -20.39
C LYS A 640 2.07 -17.67 -21.35
N ALA A 641 1.09 -16.86 -21.73
CA ALA A 641 0.02 -17.30 -22.63
C ALA A 641 0.54 -17.29 -24.05
N PRO A 642 -0.02 -18.16 -24.91
CA PRO A 642 0.39 -18.20 -26.32
C PRO A 642 0.01 -16.90 -27.02
N LYS A 643 0.67 -16.60 -28.14
CA LYS A 643 0.34 -15.37 -28.86
C LYS A 643 -1.09 -15.39 -29.43
N GLY A 644 -1.48 -16.50 -30.05
CA GLY A 644 -2.86 -16.69 -30.48
C GLY A 644 -3.48 -15.54 -31.25
N LYS A 645 -4.56 -14.98 -30.70
CA LYS A 645 -5.37 -13.99 -31.39
C LYS A 645 -5.01 -12.54 -31.03
N ILE A 646 -4.85 -12.27 -29.74
CA ILE A 646 -4.67 -10.89 -29.31
C ILE A 646 -3.30 -10.67 -28.69
N ASP A 647 -2.82 -9.42 -28.70
CA ASP A 647 -1.56 -9.09 -28.04
C ASP A 647 -1.67 -9.30 -26.52
N LYS A 648 -0.61 -9.82 -25.91
CA LYS A 648 -0.59 -10.06 -24.47
C LYS A 648 0.79 -9.81 -23.91
N PRO A 649 0.88 -9.48 -22.61
CA PRO A 649 2.23 -9.30 -22.05
C PRO A 649 3.02 -10.60 -22.15
N PHE A 650 4.34 -10.45 -22.06
CA PHE A 650 5.27 -11.57 -22.09
C PHE A 650 4.86 -12.69 -21.11
N GLN A 651 4.56 -12.30 -19.88
CA GLN A 651 4.06 -13.23 -18.86
C GLN A 651 3.23 -12.46 -17.84
N GLU A 652 2.44 -13.17 -17.04
CA GLU A 652 1.66 -12.53 -15.98
C GLU A 652 1.66 -13.38 -14.71
N LEU A 653 1.90 -12.73 -13.57
CA LEU A 653 1.83 -13.41 -12.29
C LEU A 653 0.40 -13.91 -12.08
N LYS A 654 0.24 -15.20 -11.80
CA LYS A 654 -1.10 -15.74 -11.54
C LYS A 654 -1.24 -16.37 -10.16
N ALA A 655 -0.12 -16.75 -9.57
CA ALA A 655 -0.12 -17.25 -8.19
C ALA A 655 1.22 -16.97 -7.55
N PHE A 656 1.26 -17.08 -6.23
CA PHE A 656 2.49 -16.90 -5.47
C PHE A 656 2.34 -17.58 -4.12
N HIS A 657 3.48 -17.80 -3.46
CA HIS A 657 3.49 -18.55 -2.22
C HIS A 657 4.70 -18.13 -1.40
N LYS A 658 4.64 -18.36 -0.09
CA LYS A 658 5.79 -18.15 0.76
C LYS A 658 5.91 -19.30 1.73
N THR A 659 7.08 -19.93 1.75
CA THR A 659 7.32 -21.08 2.60
C THR A 659 7.26 -20.71 4.08
N ARG A 660 7.11 -21.70 4.94
CA ARG A 660 7.31 -21.48 6.36
C ARG A 660 8.79 -21.17 6.56
N LEU A 661 9.18 -20.86 7.79
CA LEU A 661 10.59 -20.63 8.08
C LEU A 661 11.35 -21.95 8.02
N LEU A 662 12.07 -22.17 6.92
CA LEU A 662 12.77 -23.43 6.71
C LEU A 662 14.16 -23.42 7.32
N ASN A 663 14.48 -24.49 8.05
CA ASN A 663 15.82 -24.70 8.57
C ASN A 663 16.74 -25.21 7.47
N PRO A 664 18.06 -25.02 7.65
CA PRO A 664 19.02 -25.61 6.72
C PRO A 664 18.67 -27.06 6.44
N GLY A 665 18.51 -27.43 5.17
CA GLY A 665 18.25 -28.82 4.82
C GLY A 665 16.78 -29.18 4.77
N GLU A 666 15.94 -28.34 5.39
CA GLU A 666 14.50 -28.52 5.33
C GLU A 666 13.94 -28.13 3.95
N SER A 667 12.85 -28.78 3.56
CA SER A 667 12.16 -28.42 2.33
C SER A 667 10.64 -28.36 2.56
N GLU A 668 9.93 -27.76 1.62
CA GLU A 668 8.48 -27.65 1.69
C GLU A 668 7.89 -27.91 0.31
N GLU A 669 6.81 -28.66 0.25
CA GLU A 669 6.12 -28.89 -1.01
C GLU A 669 5.05 -27.84 -1.24
N VAL A 670 5.13 -27.16 -2.37
CA VAL A 670 4.20 -26.10 -2.70
C VAL A 670 3.13 -26.59 -3.67
N VAL A 671 1.88 -26.30 -3.36
CA VAL A 671 0.76 -26.68 -4.23
C VAL A 671 -0.14 -25.48 -4.42
N LEU A 672 -0.20 -25.00 -5.66
CA LEU A 672 -1.01 -23.83 -5.98
C LEU A 672 -2.03 -24.20 -7.04
N GLU A 673 -3.23 -23.64 -6.93
CA GLU A 673 -4.25 -23.87 -7.94
C GLU A 673 -4.72 -22.55 -8.53
N ILE A 674 -4.95 -22.57 -9.84
CA ILE A 674 -5.36 -21.40 -10.60
C ILE A 674 -6.59 -21.77 -11.42
N PRO A 675 -7.71 -21.08 -11.17
CA PRO A 675 -8.94 -21.30 -11.94
C PRO A 675 -8.71 -20.93 -13.40
N VAL A 676 -9.29 -21.69 -14.34
CA VAL A 676 -9.05 -21.42 -15.75
C VAL A 676 -9.38 -19.97 -16.14
N ARG A 677 -10.43 -19.42 -15.54
CA ARG A 677 -10.87 -18.06 -15.80
C ARG A 677 -9.75 -17.02 -15.61
N ASP A 678 -8.87 -17.28 -14.66
CA ASP A 678 -7.76 -16.37 -14.36
C ASP A 678 -6.76 -16.27 -15.51
N LEU A 679 -6.81 -17.24 -16.42
CA LEU A 679 -5.86 -17.26 -17.53
C LEU A 679 -6.28 -16.32 -18.67
N ALA A 680 -7.50 -15.79 -18.59
CA ALA A 680 -8.07 -15.00 -19.68
C ALA A 680 -7.42 -13.63 -19.90
N SER A 681 -7.54 -13.12 -21.12
CA SER A 681 -7.27 -11.73 -21.45
C SER A 681 -8.59 -11.11 -21.91
N PHE A 682 -8.73 -9.81 -21.72
CA PHE A 682 -9.94 -9.12 -22.12
C PHE A 682 -9.76 -8.49 -23.51
N ASN A 683 -10.61 -8.85 -24.46
CA ASN A 683 -10.48 -8.36 -25.83
C ASN A 683 -11.28 -7.10 -26.14
N GLY A 684 -11.86 -6.50 -25.11
CA GLY A 684 -12.62 -5.28 -25.26
C GLY A 684 -14.10 -5.53 -25.05
N GLU A 685 -14.51 -6.76 -25.29
CA GLU A 685 -15.90 -7.17 -25.11
C GLU A 685 -15.99 -8.23 -24.03
N GLU A 686 -15.14 -9.25 -24.12
CA GLU A 686 -15.21 -10.35 -23.17
C GLU A 686 -13.85 -10.93 -22.81
N TRP A 687 -13.81 -11.63 -21.69
CA TRP A 687 -12.64 -12.36 -21.26
C TRP A 687 -12.53 -13.61 -22.11
N VAL A 688 -11.32 -13.90 -22.59
CA VAL A 688 -11.11 -15.05 -23.44
C VAL A 688 -9.88 -15.84 -22.99
N VAL A 689 -10.09 -17.12 -22.72
CA VAL A 689 -8.98 -18.03 -22.47
C VAL A 689 -8.74 -18.78 -23.76
N GLU A 690 -7.72 -18.35 -24.50
CA GLU A 690 -7.48 -18.91 -25.83
C GLU A 690 -6.95 -20.34 -25.73
N ALA A 691 -7.31 -21.16 -26.71
CA ALA A 691 -6.78 -22.51 -26.78
C ALA A 691 -5.31 -22.42 -27.15
N GLY A 692 -4.52 -23.42 -26.77
CA GLY A 692 -3.12 -23.44 -27.12
C GLY A 692 -2.20 -23.83 -25.98
N GLU A 693 -0.90 -23.78 -26.24
CA GLU A 693 0.08 -24.18 -25.24
C GLU A 693 0.54 -23.01 -24.39
N TYR A 694 0.39 -23.15 -23.06
CA TYR A 694 0.81 -22.13 -22.10
C TYR A 694 2.10 -22.55 -21.41
N GLU A 695 2.89 -21.59 -20.96
CA GLU A 695 4.08 -21.92 -20.21
C GLU A 695 3.94 -21.51 -18.74
N VAL A 696 4.27 -22.44 -17.86
CA VAL A 696 4.34 -22.17 -16.44
C VAL A 696 5.78 -21.82 -16.06
N ARG A 697 5.96 -20.65 -15.44
CA ARG A 697 7.28 -20.16 -15.09
C ARG A 697 7.33 -19.91 -13.59
N VAL A 698 7.97 -20.80 -12.86
CA VAL A 698 8.10 -20.66 -11.41
C VAL A 698 9.41 -19.94 -11.10
N GLY A 699 9.31 -18.72 -10.59
CA GLY A 699 10.48 -17.89 -10.38
C GLY A 699 10.75 -17.47 -8.94
N ALA A 700 12.00 -17.10 -8.67
CA ALA A 700 12.39 -16.50 -7.41
C ALA A 700 12.24 -14.99 -7.58
N SER A 701 11.94 -14.60 -8.82
CA SER A 701 11.59 -13.24 -9.20
C SER A 701 11.03 -13.35 -10.62
N SER A 702 10.50 -12.26 -11.15
CA SER A 702 9.94 -12.34 -12.49
C SER A 702 11.01 -12.62 -13.57
N ARG A 703 12.28 -12.55 -13.19
CA ARG A 703 13.37 -12.74 -14.15
C ARG A 703 14.36 -13.82 -13.71
N ASN A 704 14.05 -14.48 -12.61
CA ASN A 704 14.86 -15.61 -12.15
C ASN A 704 13.97 -16.83 -12.10
N ILE A 705 13.68 -17.37 -13.27
CA ILE A 705 12.77 -18.52 -13.36
C ILE A 705 13.53 -19.80 -13.04
N LYS A 706 13.01 -20.57 -12.10
CA LYS A 706 13.71 -21.74 -11.57
C LYS A 706 13.18 -23.03 -12.17
N LEU A 707 11.91 -23.03 -12.53
CA LEU A 707 11.30 -24.21 -13.12
C LEU A 707 10.33 -23.78 -14.21
N LYS A 708 10.32 -24.53 -15.31
CA LYS A 708 9.43 -24.26 -16.42
C LYS A 708 8.70 -25.52 -16.81
N GLY A 709 7.43 -25.38 -17.15
CA GLY A 709 6.63 -26.49 -17.64
C GLY A 709 5.58 -25.94 -18.56
N THR A 710 4.85 -26.82 -19.24
CA THR A 710 3.78 -26.38 -20.10
C THR A 710 2.50 -27.17 -19.85
N PHE A 711 1.39 -26.61 -20.27
CA PHE A 711 0.12 -27.32 -20.33
C PHE A 711 -0.63 -26.75 -21.51
N SER A 712 -1.76 -27.36 -21.84
CA SER A 712 -2.49 -26.98 -23.03
C SER A 712 -3.96 -26.76 -22.73
N VAL A 713 -4.53 -25.68 -23.25
CA VAL A 713 -5.97 -25.51 -23.26
C VAL A 713 -6.48 -26.00 -24.61
N GLY A 714 -7.41 -26.95 -24.59
CA GLY A 714 -7.88 -27.55 -25.83
C GLY A 714 -9.03 -26.79 -26.44
N GLU A 715 -9.90 -26.27 -25.59
CA GLU A 715 -11.11 -25.59 -26.01
C GLU A 715 -11.09 -24.16 -25.50
N GLU A 716 -11.25 -23.20 -26.40
CA GLU A 716 -11.33 -21.80 -26.01
C GLU A 716 -12.53 -21.56 -25.09
N ARG A 717 -12.30 -20.81 -24.01
CA ARG A 717 -13.37 -20.41 -23.10
C ARG A 717 -13.58 -18.91 -23.16
N ARG A 718 -14.83 -18.49 -23.16
CA ARG A 718 -15.16 -17.07 -23.18
C ARG A 718 -16.12 -16.73 -22.04
N PHE A 719 -15.92 -15.55 -21.44
CA PHE A 719 -16.79 -15.06 -20.37
C PHE A 719 -17.16 -13.61 -20.63
N LYS A 720 -18.46 -13.33 -20.68
CA LYS A 720 -18.93 -11.95 -20.75
C LYS A 720 -18.97 -11.39 -19.35
N PRO A 721 -18.42 -10.17 -19.15
CA PRO A 721 -18.34 -9.54 -17.83
C PRO A 721 -19.64 -9.66 -17.03
#